data_6ULT
#
_entry.id   6ULT
#
_cell.length_a   77.083
_cell.length_b   63.627
_cell.length_c   120.339
_cell.angle_alpha   90.000
_cell.angle_beta   108.388
_cell.angle_gamma   90.000
#
_symmetry.space_group_name_H-M   'P 1 21 1'
#
loop_
_entity.id
_entity.type
_entity.pdbx_description
1 polymer 'Bromodomain-containing protein 2'
2 polymer 'Cyclic peptide 4.2_3'
3 water water
#
loop_
_entity_poly.entity_id
_entity_poly.type
_entity_poly.pdbx_seq_one_letter_code
_entity_poly.pdbx_strand_id
1 'polypeptide(L)'
;SSEQLKHCNGILKELLSKKHAAYAWPFYKPVDASALGLHDYHDIIKHPMDLSTVKRKMENRDYRDAQEFAADVRLMFSNC
YKYNPPDHDVVAMARKLQDVFEFRYAKMP
;
A,B,C,D,E,F,G,H
2 'polypeptide(L)' (ACE)W(ALY)GYLCLR(ALY)RIQ I,J,K,L
#
# COMPACT_ATOMS: atom_id res chain seq x y z
N LYS A 6 33.40 -35.92 5.06
CA LYS A 6 33.86 -37.24 5.48
C LYS A 6 32.75 -37.96 6.24
N HIS A 7 32.39 -37.42 7.41
CA HIS A 7 31.21 -37.94 8.11
C HIS A 7 29.94 -37.62 7.33
N CYS A 8 29.97 -36.56 6.53
CA CYS A 8 28.86 -36.26 5.62
C CYS A 8 28.73 -37.32 4.54
N ASN A 9 29.85 -37.90 4.12
CA ASN A 9 29.81 -38.97 3.12
C ASN A 9 29.05 -40.18 3.65
N GLY A 10 29.23 -40.49 4.93
CA GLY A 10 28.44 -41.56 5.53
C GLY A 10 26.97 -41.20 5.59
N ILE A 11 26.67 -39.92 5.87
CA ILE A 11 25.28 -39.46 5.85
C ILE A 11 24.70 -39.59 4.45
N LEU A 12 25.50 -39.29 3.43
CA LEU A 12 25.02 -39.38 2.06
C LEU A 12 24.77 -40.83 1.65
N LYS A 13 25.57 -41.77 2.16
CA LYS A 13 25.31 -43.18 1.91
C LYS A 13 24.01 -43.63 2.57
N GLU A 14 23.70 -43.07 3.75
CA GLU A 14 22.49 -43.49 4.46
C GLU A 14 21.23 -43.02 3.75
N LEU A 15 21.24 -41.78 3.25
CA LEU A 15 20.09 -41.28 2.49
C LEU A 15 19.92 -42.03 1.17
N LEU A 16 21.01 -42.52 0.59
CA LEU A 16 20.99 -43.30 -0.64
C LEU A 16 20.93 -44.79 -0.39
N SER A 17 20.84 -45.21 0.87
CA SER A 17 20.81 -46.64 1.19
C SER A 17 19.43 -47.23 0.88
N LYS A 18 19.44 -48.53 0.57
CA LYS A 18 18.21 -49.24 0.25
C LYS A 18 17.23 -49.25 1.42
N LYS A 19 17.71 -49.02 2.64
CA LYS A 19 16.84 -49.04 3.81
C LYS A 19 15.73 -47.99 3.69
N HIS A 20 16.08 -46.80 3.20
CA HIS A 20 15.15 -45.68 3.12
C HIS A 20 14.64 -45.45 1.69
N ALA A 21 14.84 -46.41 0.80
CA ALA A 21 14.48 -46.22 -0.60
C ALA A 21 12.97 -46.07 -0.81
N ALA A 22 12.15 -46.44 0.17
CA ALA A 22 10.72 -46.33 0.01
C ALA A 22 10.26 -44.88 -0.05
N TYR A 23 10.93 -43.98 0.67
CA TYR A 23 10.55 -42.59 0.73
C TYR A 23 11.66 -41.63 0.29
N ALA A 24 12.86 -42.13 -0.04
CA ALA A 24 13.94 -41.28 -0.50
C ALA A 24 14.04 -41.18 -2.02
N TRP A 25 13.25 -41.96 -2.76
CA TRP A 25 13.35 -42.01 -4.21
C TRP A 25 12.92 -40.73 -4.95
N PRO A 26 11.99 -39.91 -4.42
CA PRO A 26 11.68 -38.66 -5.12
C PRO A 26 12.84 -37.69 -5.24
N PHE A 27 13.94 -37.94 -4.53
CA PHE A 27 15.07 -37.02 -4.50
C PHE A 27 16.34 -37.63 -5.08
N TYR A 28 16.25 -38.83 -5.68
CA TYR A 28 17.42 -39.47 -6.24
C TYR A 28 17.96 -38.75 -7.46
N LYS A 29 17.14 -37.97 -8.15
CA LYS A 29 17.50 -37.33 -9.41
C LYS A 29 16.88 -35.93 -9.44
N PRO A 30 17.39 -35.05 -10.29
CA PRO A 30 16.79 -33.71 -10.40
C PRO A 30 15.35 -33.79 -10.86
N VAL A 31 14.53 -32.85 -10.40
CA VAL A 31 13.13 -32.83 -10.78
C VAL A 31 13.01 -32.55 -12.27
N ASP A 32 12.37 -33.47 -13.00
CA ASP A 32 12.11 -33.30 -14.42
C ASP A 32 10.77 -32.58 -14.54
N ALA A 33 10.81 -31.27 -14.73
CA ALA A 33 9.57 -30.49 -14.77
C ALA A 33 8.76 -30.77 -16.01
N SER A 34 9.34 -31.38 -17.04
CA SER A 34 8.61 -31.65 -18.27
C SER A 34 7.90 -33.00 -18.24
N ALA A 35 8.49 -34.00 -17.58
CA ALA A 35 7.93 -35.35 -17.59
C ALA A 35 6.83 -35.54 -16.56
N LEU A 36 6.76 -34.68 -15.54
CA LEU A 36 5.81 -34.83 -14.46
C LEU A 36 4.61 -33.90 -14.56
N GLY A 37 4.52 -33.11 -15.64
CA GLY A 37 3.48 -32.09 -15.72
C GLY A 37 3.60 -31.13 -14.56
N LEU A 38 4.61 -30.26 -14.63
CA LEU A 38 4.96 -29.33 -13.56
C LEU A 38 5.83 -28.24 -14.16
N HIS A 39 5.34 -27.61 -15.23
CA HIS A 39 6.16 -26.67 -15.98
C HIS A 39 6.51 -25.44 -15.17
N ASP A 40 5.65 -25.05 -14.22
CA ASP A 40 5.91 -23.89 -13.38
C ASP A 40 6.90 -24.18 -12.25
N TYR A 41 7.54 -25.35 -12.27
CA TYR A 41 8.46 -25.71 -11.19
C TYR A 41 9.65 -24.77 -11.16
N HIS A 42 10.20 -24.45 -12.33
CA HIS A 42 11.37 -23.57 -12.40
C HIS A 42 11.02 -22.10 -12.29
N ASP A 43 9.73 -21.75 -12.37
CA ASP A 43 9.30 -20.40 -12.04
C ASP A 43 9.26 -20.19 -10.53
N ILE A 44 9.03 -21.27 -9.78
CA ILE A 44 8.90 -21.19 -8.33
C ILE A 44 10.19 -21.59 -7.63
N ILE A 45 10.86 -22.64 -8.12
CA ILE A 45 12.09 -23.13 -7.51
C ILE A 45 13.28 -22.53 -8.26
N LYS A 46 14.05 -21.71 -7.56
CA LYS A 46 15.22 -21.07 -8.13
C LYS A 46 16.50 -21.88 -7.98
N HIS A 47 16.55 -22.80 -7.02
CA HIS A 47 17.76 -23.58 -6.76
C HIS A 47 17.38 -25.03 -6.52
N PRO A 48 17.24 -25.82 -7.58
CA PRO A 48 16.93 -27.24 -7.42
C PRO A 48 18.07 -27.99 -6.75
N MET A 49 17.72 -29.11 -6.13
CA MET A 49 18.69 -29.94 -5.43
C MET A 49 18.14 -31.35 -5.30
N ASP A 50 19.02 -32.33 -5.50
CA ASP A 50 18.66 -33.73 -5.34
C ASP A 50 19.87 -34.48 -4.81
N LEU A 51 19.72 -35.79 -4.62
CA LEU A 51 20.79 -36.58 -4.01
C LEU A 51 21.85 -36.96 -5.03
N SER A 52 21.50 -37.05 -6.32
CA SER A 52 22.52 -37.28 -7.33
C SER A 52 23.39 -36.04 -7.52
N THR A 53 22.83 -34.86 -7.25
CA THR A 53 23.64 -33.63 -7.31
C THR A 53 24.50 -33.48 -6.07
N VAL A 54 23.96 -33.82 -4.89
CA VAL A 54 24.78 -33.82 -3.68
C VAL A 54 25.90 -34.85 -3.81
N LYS A 55 25.60 -36.01 -4.39
CA LYS A 55 26.63 -37.05 -4.55
C LYS A 55 27.72 -36.60 -5.51
N ARG A 56 27.34 -35.91 -6.60
CA ARG A 56 28.33 -35.41 -7.54
C ARG A 56 29.21 -34.34 -6.88
N LYS A 57 28.61 -33.48 -6.07
CA LYS A 57 29.38 -32.44 -5.38
C LYS A 57 30.20 -33.00 -4.23
N MET A 58 29.90 -34.22 -3.78
CA MET A 58 30.73 -34.86 -2.76
C MET A 58 31.96 -35.51 -3.37
N GLU A 59 31.80 -36.23 -4.48
CA GLU A 59 32.92 -36.87 -5.14
C GLU A 59 33.88 -35.84 -5.72
N ASN A 60 33.35 -34.73 -6.24
CA ASN A 60 34.20 -33.65 -6.74
C ASN A 60 34.75 -32.76 -5.63
N ARG A 61 34.44 -33.06 -4.36
CA ARG A 61 34.75 -32.20 -3.23
C ARG A 61 34.31 -30.77 -3.52
N ASP A 62 33.01 -30.51 -3.39
CA ASP A 62 32.48 -29.17 -3.58
C ASP A 62 32.07 -28.52 -2.26
N TYR A 63 32.01 -29.29 -1.19
CA TYR A 63 31.60 -28.78 0.12
C TYR A 63 32.85 -28.47 0.95
N ARG A 64 32.94 -27.23 1.41
CA ARG A 64 34.09 -26.81 2.21
C ARG A 64 34.03 -27.40 3.61
N ASP A 65 32.83 -27.51 4.18
CA ASP A 65 32.64 -28.07 5.51
C ASP A 65 31.26 -28.72 5.58
N ALA A 66 30.97 -29.32 6.73
CA ALA A 66 29.73 -30.07 6.90
C ALA A 66 28.48 -29.19 6.78
N GLN A 67 28.59 -27.89 7.05
CA GLN A 67 27.40 -27.05 7.00
C GLN A 67 26.91 -26.83 5.58
N GLU A 68 27.85 -26.68 4.63
CA GLU A 68 27.45 -26.56 3.23
C GLU A 68 26.74 -27.81 2.75
N PHE A 69 27.19 -28.98 3.23
CA PHE A 69 26.50 -30.23 2.93
C PHE A 69 25.06 -30.20 3.45
N ALA A 70 24.88 -29.83 4.72
CA ALA A 70 23.54 -29.78 5.30
C ALA A 70 22.67 -28.73 4.62
N ALA A 71 23.30 -27.67 4.08
CA ALA A 71 22.54 -26.63 3.41
C ALA A 71 21.91 -27.14 2.12
N ASP A 72 22.67 -27.91 1.33
CA ASP A 72 22.12 -28.45 0.08
C ASP A 72 21.04 -29.49 0.35
N VAL A 73 21.24 -30.36 1.35
CA VAL A 73 20.26 -31.39 1.64
C VAL A 73 18.93 -30.78 2.03
N ARG A 74 18.95 -29.78 2.92
CA ARG A 74 17.71 -29.14 3.35
C ARG A 74 17.06 -28.35 2.23
N LEU A 75 17.86 -27.74 1.34
CA LEU A 75 17.30 -27.06 0.19
C LEU A 75 16.48 -28.02 -0.67
N MET A 76 16.96 -29.26 -0.81
CA MET A 76 16.21 -30.28 -1.53
C MET A 76 14.89 -30.58 -0.83
N PHE A 77 14.90 -30.56 0.50
CA PHE A 77 13.65 -30.70 1.25
C PHE A 77 12.82 -29.43 1.22
N SER A 78 13.48 -28.27 1.29
CA SER A 78 12.77 -27.00 1.29
C SER A 78 12.00 -26.78 0.00
N ASN A 79 12.59 -27.14 -1.14
CA ASN A 79 11.88 -27.01 -2.41
C ASN A 79 10.63 -27.86 -2.43
N CYS A 80 10.68 -29.05 -1.82
CA CYS A 80 9.50 -29.88 -1.73
C CYS A 80 8.43 -29.23 -0.87
N TYR A 81 8.83 -28.62 0.26
CA TYR A 81 7.88 -27.92 1.11
C TYR A 81 7.34 -26.67 0.41
N LYS A 82 8.18 -26.01 -0.38
CA LYS A 82 7.73 -24.80 -1.07
C LYS A 82 6.79 -25.12 -2.23
N TYR A 83 7.13 -26.14 -3.02
CA TYR A 83 6.38 -26.38 -4.25
C TYR A 83 5.14 -27.26 -4.03
N ASN A 84 5.25 -28.30 -3.16
CA ASN A 84 4.13 -29.23 -3.06
C ASN A 84 3.14 -28.80 -1.98
N PRO A 85 1.88 -29.18 -2.12
CA PRO A 85 0.91 -28.90 -1.07
C PRO A 85 1.27 -29.67 0.18
N PRO A 86 0.88 -29.16 1.36
CA PRO A 86 1.31 -29.81 2.61
C PRO A 86 0.80 -31.24 2.78
N ASP A 87 -0.28 -31.63 2.12
CA ASP A 87 -0.81 -32.99 2.22
C ASP A 87 -0.30 -33.89 1.10
N HIS A 88 0.68 -33.44 0.32
CA HIS A 88 1.18 -34.22 -0.80
C HIS A 88 2.01 -35.40 -0.33
N ASP A 89 2.03 -36.46 -1.15
CA ASP A 89 2.77 -37.66 -0.78
C ASP A 89 4.26 -37.40 -0.66
N VAL A 90 4.81 -36.55 -1.53
CA VAL A 90 6.25 -36.29 -1.51
C VAL A 90 6.65 -35.54 -0.24
N VAL A 91 5.74 -34.72 0.31
CA VAL A 91 6.04 -34.04 1.57
C VAL A 91 6.13 -35.04 2.72
N ALA A 92 5.27 -36.05 2.72
CA ALA A 92 5.41 -37.08 3.75
C ALA A 92 6.74 -37.81 3.61
N MET A 93 7.15 -38.09 2.37
CA MET A 93 8.45 -38.71 2.15
C MET A 93 9.59 -37.74 2.46
N ALA A 94 9.36 -36.44 2.29
CA ALA A 94 10.40 -35.46 2.62
C ALA A 94 10.57 -35.33 4.13
N ARG A 95 9.47 -35.29 4.87
CA ARG A 95 9.54 -35.22 6.33
C ARG A 95 10.30 -36.42 6.89
N LYS A 96 9.98 -37.62 6.42
CA LYS A 96 10.63 -38.81 6.93
C LYS A 96 12.11 -38.84 6.57
N LEU A 97 12.45 -38.47 5.35
CA LEU A 97 13.86 -38.49 4.96
C LEU A 97 14.64 -37.39 5.68
N GLN A 98 14.01 -36.23 5.90
CA GLN A 98 14.66 -35.18 6.67
C GLN A 98 14.85 -35.59 8.13
N ASP A 99 13.87 -36.32 8.67
CA ASP A 99 14.01 -36.86 10.02
C ASP A 99 15.22 -37.78 10.12
N VAL A 100 15.46 -38.58 9.09
CA VAL A 100 16.64 -39.44 9.05
C VAL A 100 17.91 -38.60 8.97
N PHE A 101 17.89 -37.53 8.17
CA PHE A 101 19.07 -36.70 7.99
C PHE A 101 19.43 -35.96 9.27
N GLU A 102 18.46 -35.24 9.86
CA GLU A 102 18.76 -34.42 11.03
C GLU A 102 19.25 -35.24 12.21
N PHE A 103 19.00 -36.55 12.21
CA PHE A 103 19.51 -37.41 13.29
C PHE A 103 20.96 -37.80 13.06
N ARG A 104 21.28 -38.27 11.85
CA ARG A 104 22.65 -38.65 11.53
C ARG A 104 23.57 -37.43 11.51
N TYR A 105 23.03 -36.25 11.18
CA TYR A 105 23.84 -35.03 11.15
C TYR A 105 24.07 -34.46 12.54
N ALA A 106 23.12 -34.66 13.45
CA ALA A 106 23.29 -34.15 14.82
C ALA A 106 24.30 -34.99 15.60
N LYS A 107 24.23 -36.31 15.47
CA LYS A 107 25.07 -37.21 16.25
C LYS A 107 26.44 -37.45 15.61
N MET A 108 27.00 -36.44 14.97
CA MET A 108 28.38 -36.49 14.51
C MET A 108 29.32 -36.09 15.64
N PRO A 109 30.63 -36.34 15.50
CA PRO A 109 31.59 -35.86 16.51
C PRO A 109 31.55 -34.35 16.71
N SER B 1 39.15 37.71 57.55
CA SER B 1 38.22 37.66 56.43
C SER B 1 38.41 36.37 55.62
N SER B 2 39.57 35.74 55.77
CA SER B 2 39.79 34.46 55.13
C SER B 2 39.02 33.34 55.82
N GLU B 3 38.80 33.47 57.13
CA GLU B 3 37.99 32.49 57.85
C GLU B 3 36.57 32.46 57.32
N GLN B 4 35.97 33.63 57.11
CA GLN B 4 34.55 33.72 56.79
C GLN B 4 34.28 33.37 55.34
N LEU B 5 35.14 33.83 54.42
CA LEU B 5 34.90 33.60 53.00
C LEU B 5 34.89 32.12 52.66
N LYS B 6 35.58 31.29 53.47
CA LYS B 6 35.47 29.85 53.28
C LYS B 6 34.10 29.33 53.71
N HIS B 7 33.58 29.86 54.83
CA HIS B 7 32.24 29.47 55.26
C HIS B 7 31.17 30.11 54.40
N CYS B 8 31.42 31.32 53.89
CA CYS B 8 30.50 31.93 52.94
C CYS B 8 30.40 31.10 51.67
N ASN B 9 31.49 30.45 51.27
CA ASN B 9 31.45 29.57 50.11
C ASN B 9 30.52 28.39 50.38
N GLY B 10 30.53 27.86 51.61
CA GLY B 10 29.59 26.81 51.96
C GLY B 10 28.16 27.28 51.93
N ILE B 11 27.91 28.54 52.32
CA ILE B 11 26.58 29.11 52.20
C ILE B 11 26.16 29.17 50.73
N LEU B 12 27.11 29.49 49.85
CA LEU B 12 26.82 29.56 48.43
C LEU B 12 26.52 28.19 47.84
N LYS B 13 27.19 27.15 48.35
CA LYS B 13 26.92 25.80 47.85
C LYS B 13 25.52 25.33 48.23
N GLU B 14 25.06 25.68 49.43
CA GLU B 14 23.74 25.22 49.87
C GLU B 14 22.63 25.95 49.13
N LEU B 15 22.80 27.26 48.89
CA LEU B 15 21.79 27.99 48.12
C LEU B 15 21.70 27.44 46.70
N LEU B 16 22.78 26.89 46.19
CA LEU B 16 22.83 26.26 44.88
C LEU B 16 22.60 24.75 44.96
N SER B 17 22.31 24.23 46.15
CA SER B 17 22.09 22.80 46.33
C SER B 17 20.71 22.38 45.85
N LYS B 18 20.55 21.07 45.65
CA LYS B 18 19.28 20.49 45.23
C LYS B 18 18.19 20.66 46.28
N LYS B 19 18.55 20.79 47.56
CA LYS B 19 17.53 20.89 48.62
C LYS B 19 16.65 22.11 48.43
N HIS B 20 17.22 23.24 48.01
CA HIS B 20 16.48 24.48 47.87
C HIS B 20 16.20 24.85 46.42
N ALA B 21 16.39 23.90 45.49
CA ALA B 21 16.26 24.21 44.07
C ALA B 21 14.83 24.54 43.66
N ALA B 22 13.83 24.19 44.47
CA ALA B 22 12.44 24.45 44.09
C ALA B 22 12.13 25.95 44.10
N TYR B 23 12.77 26.71 44.99
CA TYR B 23 12.52 28.14 45.11
C TYR B 23 13.75 29.01 44.93
N ALA B 24 14.93 28.42 44.78
CA ALA B 24 16.16 29.19 44.57
C ALA B 24 16.51 29.36 43.10
N TRP B 25 15.79 28.70 42.21
CA TRP B 25 16.11 28.67 40.79
C TRP B 25 15.90 29.99 40.03
N PRO B 26 14.98 30.88 40.41
CA PRO B 26 14.88 32.16 39.69
C PRO B 26 16.12 33.02 39.78
N PHE B 27 17.08 32.68 40.63
CA PHE B 27 18.26 33.49 40.84
C PHE B 27 19.55 32.80 40.42
N TYR B 28 19.45 31.65 39.74
CA TYR B 28 20.65 30.93 39.33
C TYR B 28 21.45 31.72 38.30
N LYS B 29 20.78 32.41 37.40
CA LYS B 29 21.40 33.18 36.34
C LYS B 29 20.78 34.56 36.27
N PRO B 30 21.48 35.53 35.65
CA PRO B 30 20.95 36.89 35.61
C PRO B 30 19.61 36.96 34.89
N VAL B 31 18.79 37.92 35.30
CA VAL B 31 17.48 38.12 34.69
C VAL B 31 17.67 38.48 33.23
N ASP B 32 17.06 37.69 32.35
CA ASP B 32 17.13 37.94 30.91
C ASP B 32 15.98 38.89 30.56
N ALA B 33 16.30 40.19 30.46
CA ALA B 33 15.24 41.17 30.23
C ALA B 33 14.68 41.07 28.81
N SER B 34 15.54 40.76 27.83
CA SER B 34 15.06 40.69 26.46
C SER B 34 14.21 39.46 26.21
N ALA B 35 14.46 38.37 26.93
CA ALA B 35 13.74 37.12 26.72
C ALA B 35 12.49 37.00 27.61
N LEU B 36 12.47 37.68 28.75
CA LEU B 36 11.34 37.60 29.66
C LEU B 36 10.27 38.64 29.39
N GLY B 37 10.41 39.41 28.30
CA GLY B 37 9.51 40.50 27.99
C GLY B 37 9.32 41.44 29.17
N LEU B 38 10.37 42.23 29.46
CA LEU B 38 10.45 43.13 30.60
C LEU B 38 11.57 44.12 30.33
N HIS B 39 11.38 44.98 29.33
CA HIS B 39 12.41 45.87 28.85
C HIS B 39 12.68 47.05 29.77
N ASP B 40 11.90 47.22 30.83
CA ASP B 40 12.13 48.27 31.81
C ASP B 40 12.86 47.77 33.04
N TYR B 41 13.37 46.53 33.00
CA TYR B 41 14.05 45.98 34.18
C TYR B 41 15.32 46.75 34.48
N HIS B 42 16.09 47.09 33.44
CA HIS B 42 17.35 47.80 33.63
C HIS B 42 17.16 49.30 33.85
N ASP B 43 15.96 49.82 33.62
CA ASP B 43 15.64 51.19 34.04
C ASP B 43 15.36 51.26 35.53
N ILE B 44 14.86 50.17 36.11
CA ILE B 44 14.51 50.12 37.52
C ILE B 44 15.61 49.46 38.35
N ILE B 45 16.19 48.39 37.84
CA ILE B 45 17.24 47.65 38.53
C ILE B 45 18.58 48.13 37.95
N LYS B 46 19.20 49.10 38.61
CA LYS B 46 20.50 49.59 38.16
C LYS B 46 21.63 48.62 38.47
N HIS B 47 21.38 47.58 39.26
CA HIS B 47 22.41 46.63 39.67
C HIS B 47 21.82 45.22 39.72
N PRO B 48 21.80 44.52 38.60
CA PRO B 48 21.32 43.14 38.60
C PRO B 48 22.24 42.25 39.44
N MET B 49 21.69 41.14 39.92
CA MET B 49 22.48 40.26 40.77
C MET B 49 21.86 38.87 40.73
N ASP B 50 22.73 37.84 40.65
CA ASP B 50 22.27 36.46 40.65
C ASP B 50 23.32 35.59 41.36
N LEU B 51 23.04 34.29 41.43
CA LEU B 51 23.90 33.37 42.15
C LEU B 51 25.07 32.87 41.31
N SER B 52 24.94 32.81 39.98
CA SER B 52 26.08 32.42 39.16
C SER B 52 27.15 33.51 39.13
N THR B 53 26.73 34.76 39.28
CA THR B 53 27.70 35.85 39.36
C THR B 53 28.37 35.89 40.73
N VAL B 54 27.59 35.63 41.79
CA VAL B 54 28.19 35.50 43.12
C VAL B 54 29.21 34.37 43.13
N LYS B 55 28.88 33.25 42.48
CA LYS B 55 29.85 32.17 42.35
C LYS B 55 31.00 32.58 41.43
N ARG B 56 30.69 33.29 40.35
CA ARG B 56 31.74 33.81 39.49
C ARG B 56 32.63 34.79 40.24
N LYS B 57 32.03 35.68 41.03
CA LYS B 57 32.78 36.63 41.82
C LYS B 57 33.44 36.01 43.05
N MET B 58 33.00 34.82 43.46
CA MET B 58 33.69 34.12 44.54
C MET B 58 34.89 33.34 44.02
N GLU B 59 34.72 32.63 42.89
CA GLU B 59 35.84 31.90 42.30
C GLU B 59 36.92 32.84 41.81
N ASN B 60 36.54 34.00 41.27
CA ASN B 60 37.49 35.03 40.85
C ASN B 60 38.02 35.86 42.01
N ARG B 61 37.65 35.52 43.25
CA ARG B 61 38.12 36.23 44.44
C ARG B 61 37.81 37.72 44.36
N ASP B 62 36.56 38.05 44.10
CA ASP B 62 36.11 39.44 44.06
C ASP B 62 35.70 39.96 45.43
N TYR B 63 35.23 39.07 46.32
CA TYR B 63 34.83 39.49 47.66
C TYR B 63 36.04 39.60 48.57
N ARG B 64 36.03 40.59 49.44
CA ARG B 64 37.12 40.84 50.38
C ARG B 64 36.81 40.33 51.78
N ASP B 65 35.65 40.69 52.33
CA ASP B 65 35.23 40.23 53.65
C ASP B 65 33.82 39.63 53.53
N ALA B 66 33.31 39.11 54.64
CA ALA B 66 32.03 38.41 54.64
C ALA B 66 30.86 39.33 54.29
N GLN B 67 30.92 40.59 54.70
CA GLN B 67 29.78 41.48 54.44
C GLN B 67 29.59 41.77 52.96
N GLU B 68 30.66 41.85 52.17
CA GLU B 68 30.49 42.06 50.73
C GLU B 68 29.76 40.88 50.08
N PHE B 69 30.06 39.67 50.53
CA PHE B 69 29.32 38.50 50.05
C PHE B 69 27.84 38.63 50.39
N ALA B 70 27.53 38.96 51.65
CA ALA B 70 26.13 39.13 52.04
C ALA B 70 25.49 40.32 51.34
N ALA B 71 26.29 41.30 50.95
CA ALA B 71 25.75 42.47 50.26
C ALA B 71 25.24 42.09 48.88
N ASP B 72 25.99 41.29 48.14
CA ASP B 72 25.55 40.86 46.82
C ASP B 72 24.36 39.90 46.92
N VAL B 73 24.39 38.98 47.88
CA VAL B 73 23.30 38.04 48.02
C VAL B 73 22.00 38.77 48.35
N ARG B 74 22.07 39.76 49.24
CA ARG B 74 20.88 40.53 49.57
C ARG B 74 20.52 41.51 48.46
N LEU B 75 21.51 42.01 47.72
CA LEU B 75 21.22 42.82 46.54
C LEU B 75 20.39 42.03 45.54
N MET B 76 20.69 40.74 45.39
CA MET B 76 19.90 39.87 44.52
C MET B 76 18.47 39.76 45.01
N PHE B 77 18.26 39.75 46.33
CA PHE B 77 16.92 39.77 46.88
C PHE B 77 16.29 41.16 46.77
N SER B 78 17.10 42.22 46.96
CA SER B 78 16.58 43.58 46.93
C SER B 78 16.00 43.93 45.56
N ASN B 79 16.69 43.54 44.48
CA ASN B 79 16.18 43.81 43.14
C ASN B 79 14.84 43.11 42.91
N CYS B 80 14.69 41.90 43.43
CA CYS B 80 13.43 41.17 43.25
C CYS B 80 12.28 41.86 43.96
N TYR B 81 12.52 42.38 45.17
CA TYR B 81 11.46 43.06 45.92
C TYR B 81 11.06 44.37 45.25
N LYS B 82 12.03 45.08 44.66
CA LYS B 82 11.75 46.39 44.08
C LYS B 82 10.96 46.27 42.79
N TYR B 83 11.32 45.32 41.92
CA TYR B 83 10.74 45.27 40.58
C TYR B 83 9.42 44.52 40.55
N ASN B 84 9.31 43.44 41.31
CA ASN B 84 8.15 42.57 41.21
C ASN B 84 7.06 42.96 42.19
N PRO B 85 5.82 42.62 41.90
CA PRO B 85 4.74 42.89 42.85
C PRO B 85 4.94 42.10 44.13
N PRO B 86 4.46 42.60 45.26
CA PRO B 86 4.71 41.93 46.54
C PRO B 86 4.06 40.55 46.65
N ASP B 87 2.99 40.29 45.92
CA ASP B 87 2.30 38.99 45.95
C ASP B 87 2.78 38.04 44.86
N HIS B 88 3.86 38.38 44.17
CA HIS B 88 4.36 37.55 43.08
C HIS B 88 4.99 36.28 43.63
N ASP B 89 4.93 35.21 42.84
CA ASP B 89 5.48 33.93 43.27
C ASP B 89 7.00 33.99 43.43
N VAL B 90 7.68 34.71 42.54
CA VAL B 90 9.14 34.79 42.62
C VAL B 90 9.56 35.55 43.88
N VAL B 91 8.77 36.53 44.31
CA VAL B 91 9.04 37.19 45.58
C VAL B 91 8.80 36.24 46.76
N ALA B 92 7.75 35.41 46.66
CA ALA B 92 7.54 34.40 47.69
C ALA B 92 8.71 33.43 47.75
N MET B 93 9.25 33.06 46.59
CA MET B 93 10.45 32.22 46.55
C MET B 93 11.66 32.95 47.12
N ALA B 94 11.68 34.28 47.01
CA ALA B 94 12.78 35.05 47.57
C ALA B 94 12.70 35.09 49.09
N ARG B 95 11.48 35.21 49.65
CA ARG B 95 11.33 35.09 51.10
C ARG B 95 11.90 33.77 51.59
N LYS B 96 11.62 32.68 50.87
CA LYS B 96 12.03 31.36 51.33
C LYS B 96 13.54 31.19 51.23
N LEU B 97 14.14 31.64 50.13
CA LEU B 97 15.59 31.51 49.98
C LEU B 97 16.32 32.47 50.89
N GLN B 98 15.78 33.68 51.11
CA GLN B 98 16.42 34.61 52.04
C GLN B 98 16.37 34.07 53.46
N ASP B 99 15.30 33.36 53.82
CA ASP B 99 15.24 32.70 55.11
C ASP B 99 16.36 31.68 55.26
N VAL B 100 16.69 30.96 54.17
CA VAL B 100 17.80 30.02 54.23
C VAL B 100 19.12 30.75 54.41
N PHE B 101 19.30 31.87 53.70
CA PHE B 101 20.56 32.62 53.80
C PHE B 101 20.70 33.28 55.15
N GLU B 102 19.70 34.08 55.56
CA GLU B 102 19.81 34.88 56.77
C GLU B 102 19.97 34.02 58.02
N PHE B 103 19.59 32.74 57.97
CA PHE B 103 19.77 31.87 59.12
C PHE B 103 21.10 31.12 59.10
N ARG B 104 21.67 30.86 57.92
CA ARG B 104 22.99 30.25 57.85
C ARG B 104 24.11 31.28 57.85
N TYR B 105 23.84 32.52 57.44
CA TYR B 105 24.83 33.58 57.55
C TYR B 105 25.00 34.05 58.98
N ALA B 106 23.93 33.99 59.78
CA ALA B 106 24.02 34.41 61.18
C ALA B 106 24.78 33.41 62.02
N LYS B 107 24.78 32.13 61.62
CA LYS B 107 25.48 31.09 62.38
C LYS B 107 26.81 30.75 61.70
N MET B 108 27.64 31.77 61.57
CA MET B 108 28.93 31.63 60.92
C MET B 108 30.06 31.44 61.93
N LYS C 6 -6.87 -12.75 10.20
CA LYS C 6 -6.68 -11.54 9.42
C LYS C 6 -8.02 -10.86 9.14
N HIS C 7 -9.10 -11.65 9.14
CA HIS C 7 -10.44 -11.08 9.18
C HIS C 7 -10.63 -10.24 10.44
N CYS C 8 -9.88 -10.55 11.51
CA CYS C 8 -9.93 -9.79 12.74
C CYS C 8 -9.06 -8.55 12.67
N ASN C 9 -7.97 -8.60 11.91
CA ASN C 9 -7.10 -7.43 11.78
C ASN C 9 -7.83 -6.27 11.10
N GLY C 10 -8.67 -6.58 10.10
CA GLY C 10 -9.48 -5.53 9.51
C GLY C 10 -10.48 -4.95 10.47
N ILE C 11 -11.04 -5.79 11.34
CA ILE C 11 -11.94 -5.30 12.38
C ILE C 11 -11.20 -4.38 13.35
N LEU C 12 -9.96 -4.74 13.68
CA LEU C 12 -9.20 -3.93 14.64
C LEU C 12 -8.80 -2.58 14.06
N LYS C 13 -8.38 -2.56 12.79
CA LYS C 13 -8.03 -1.29 12.16
C LYS C 13 -9.24 -0.39 11.96
N GLU C 14 -10.42 -0.99 11.73
CA GLU C 14 -11.62 -0.19 11.54
C GLU C 14 -12.05 0.48 12.83
N LEU C 15 -12.00 -0.24 13.96
CA LEU C 15 -12.33 0.36 15.24
C LEU C 15 -11.32 1.43 15.63
N LEU C 16 -10.07 1.30 15.17
CA LEU C 16 -9.03 2.27 15.47
C LEU C 16 -8.87 3.33 14.39
N SER C 17 -9.70 3.30 13.35
CA SER C 17 -9.63 4.30 12.30
C SER C 17 -10.33 5.58 12.74
N LYS C 18 -10.18 6.63 11.93
CA LYS C 18 -10.80 7.91 12.23
C LYS C 18 -12.30 7.91 12.01
N LYS C 19 -12.85 6.89 11.37
CA LYS C 19 -14.28 6.87 11.08
C LYS C 19 -15.12 6.83 12.36
N HIS C 20 -14.58 6.24 13.43
CA HIS C 20 -15.30 6.10 14.68
C HIS C 20 -14.61 6.83 15.83
N ALA C 21 -13.69 7.74 15.52
CA ALA C 21 -12.89 8.38 16.57
C ALA C 21 -13.74 9.24 17.51
N ALA C 22 -14.96 9.60 17.12
CA ALA C 22 -15.81 10.42 17.98
C ALA C 22 -16.23 9.67 19.24
N TYR C 23 -16.45 8.35 19.14
CA TYR C 23 -16.89 7.55 20.26
C TYR C 23 -15.95 6.40 20.60
N ALA C 24 -14.88 6.21 19.85
CA ALA C 24 -13.94 5.12 20.12
C ALA C 24 -12.76 5.56 20.98
N TRP C 25 -12.63 6.85 21.27
CA TRP C 25 -11.47 7.34 22.02
C TRP C 25 -11.43 6.88 23.48
N PRO C 26 -12.56 6.62 24.16
CA PRO C 26 -12.45 6.08 25.53
C PRO C 26 -11.82 4.70 25.60
N PHE C 27 -11.63 4.02 24.47
CA PHE C 27 -11.13 2.66 24.46
C PHE C 27 -9.79 2.52 23.75
N TYR C 28 -9.18 3.64 23.32
CA TYR C 28 -7.90 3.57 22.62
C TYR C 28 -6.78 3.11 23.55
N LYS C 29 -6.84 3.51 24.82
CA LYS C 29 -5.81 3.24 25.81
C LYS C 29 -6.46 2.61 27.02
N PRO C 30 -5.68 1.96 27.90
CA PRO C 30 -6.25 1.43 29.13
C PRO C 30 -6.81 2.53 30.02
N VAL C 31 -7.84 2.19 30.78
CA VAL C 31 -8.47 3.13 31.69
C VAL C 31 -7.47 3.58 32.73
N ASP C 32 -7.29 4.90 32.86
CA ASP C 32 -6.35 5.47 33.82
C ASP C 32 -7.06 5.57 35.17
N ALA C 33 -6.86 4.59 36.03
CA ALA C 33 -7.50 4.57 37.34
C ALA C 33 -6.96 5.62 38.29
N SER C 34 -5.99 6.43 37.86
CA SER C 34 -5.47 7.52 38.65
C SER C 34 -6.23 8.82 38.43
N ALA C 35 -7.31 8.79 37.65
CA ALA C 35 -8.11 9.99 37.45
C ALA C 35 -8.92 10.29 38.70
N LEU C 36 -9.60 11.45 38.67
CA LEU C 36 -10.15 12.05 39.88
C LEU C 36 -11.01 11.07 40.68
N GLY C 37 -11.91 10.36 40.02
CA GLY C 37 -12.80 9.47 40.73
C GLY C 37 -12.81 8.05 40.20
N LEU C 38 -11.67 7.59 39.68
CA LEU C 38 -11.56 6.27 39.09
C LEU C 38 -10.69 5.33 39.93
N HIS C 39 -10.41 5.68 41.19
CA HIS C 39 -9.51 4.91 42.03
C HIS C 39 -10.05 3.51 42.35
N ASP C 40 -11.31 3.23 42.01
CA ASP C 40 -11.95 1.98 42.35
C ASP C 40 -12.17 1.07 41.14
N TYR C 41 -11.58 1.41 39.98
CA TYR C 41 -11.83 0.64 38.78
C TYR C 41 -11.33 -0.78 38.92
N HIS C 42 -10.16 -0.96 39.51
CA HIS C 42 -9.58 -2.29 39.67
C HIS C 42 -10.18 -3.06 40.84
N ASP C 43 -10.93 -2.39 41.72
CA ASP C 43 -11.71 -3.10 42.73
C ASP C 43 -13.00 -3.67 42.14
N ILE C 44 -13.54 -3.05 41.10
CA ILE C 44 -14.80 -3.48 40.50
C ILE C 44 -14.57 -4.32 39.25
N ILE C 45 -13.64 -3.90 38.40
CA ILE C 45 -13.32 -4.62 37.16
C ILE C 45 -12.07 -5.44 37.39
N LYS C 46 -12.21 -6.76 37.34
CA LYS C 46 -11.09 -7.67 37.58
C LYS C 46 -10.35 -8.06 36.31
N HIS C 47 -10.91 -7.79 35.13
CA HIS C 47 -10.27 -8.10 33.86
C HIS C 47 -10.40 -6.90 32.93
N PRO C 48 -9.51 -5.92 33.06
CA PRO C 48 -9.53 -4.77 32.16
C PRO C 48 -9.18 -5.17 30.73
N MET C 49 -9.65 -4.36 29.79
CA MET C 49 -9.38 -4.60 28.37
C MET C 49 -9.54 -3.30 27.59
N ASP C 50 -8.64 -3.08 26.63
CA ASP C 50 -8.70 -1.92 25.75
C ASP C 50 -8.17 -2.34 24.38
N LEU C 51 -8.17 -1.38 23.45
CA LEU C 51 -7.78 -1.68 22.07
C LEU C 51 -6.28 -1.66 21.86
N SER C 52 -5.53 -0.94 22.70
CA SER C 52 -4.07 -0.97 22.59
C SER C 52 -3.53 -2.33 23.00
N THR C 53 -4.21 -3.03 23.91
CA THR C 53 -3.80 -4.38 24.28
C THR C 53 -4.19 -5.38 23.20
N VAL C 54 -5.36 -5.22 22.60
CA VAL C 54 -5.78 -6.08 21.49
C VAL C 54 -4.79 -5.96 20.34
N LYS C 55 -4.38 -4.74 20.01
CA LYS C 55 -3.34 -4.56 18.99
C LYS C 55 -2.02 -5.16 19.45
N ARG C 56 -1.69 -5.02 20.73
CA ARG C 56 -0.44 -5.60 21.22
C ARG C 56 -0.55 -7.11 21.37
N LYS C 57 -1.75 -7.65 21.58
CA LYS C 57 -1.91 -9.10 21.54
C LYS C 57 -2.02 -9.64 20.12
N MET C 58 -2.32 -8.79 19.14
CA MET C 58 -2.29 -9.23 17.75
C MET C 58 -0.90 -9.13 17.15
N GLU C 59 -0.16 -8.05 17.42
CA GLU C 59 1.20 -7.94 16.92
C GLU C 59 2.09 -9.00 17.54
N ASN C 60 1.89 -9.31 18.83
CA ASN C 60 2.56 -10.43 19.46
C ASN C 60 1.92 -11.76 19.11
N ARG C 61 0.81 -11.73 18.36
CA ARG C 61 0.09 -12.92 17.90
C ARG C 61 -0.32 -13.80 19.08
N ASP C 62 -1.19 -13.24 19.92
CA ASP C 62 -1.71 -13.97 21.07
C ASP C 62 -3.01 -14.70 20.75
N TYR C 63 -3.84 -14.13 19.88
CA TYR C 63 -5.13 -14.74 19.57
C TYR C 63 -4.95 -15.95 18.67
N ARG C 64 -5.48 -17.10 19.10
CA ARG C 64 -5.40 -18.31 18.29
C ARG C 64 -6.43 -18.28 17.18
N ASP C 65 -7.70 -18.01 17.51
CA ASP C 65 -8.78 -18.00 16.54
C ASP C 65 -9.64 -16.77 16.77
N ALA C 66 -10.64 -16.59 15.89
CA ALA C 66 -11.53 -15.44 15.95
C ALA C 66 -12.41 -15.43 17.19
N GLN C 67 -12.54 -16.56 17.89
CA GLN C 67 -13.30 -16.59 19.14
C GLN C 67 -12.48 -16.02 20.30
N GLU C 68 -11.16 -16.09 20.22
CA GLU C 68 -10.31 -15.49 21.25
C GLU C 68 -10.21 -13.98 21.07
N PHE C 69 -10.15 -13.52 19.81
CA PHE C 69 -10.16 -12.09 19.51
C PHE C 69 -11.47 -11.44 19.96
N ALA C 70 -12.60 -12.02 19.56
CA ALA C 70 -13.90 -11.44 19.88
C ALA C 70 -14.19 -11.46 21.38
N ALA C 71 -13.60 -12.41 22.12
CA ALA C 71 -13.86 -12.47 23.55
C ALA C 71 -13.31 -11.25 24.28
N ASP C 72 -12.10 -10.82 23.91
CA ASP C 72 -11.50 -9.66 24.56
C ASP C 72 -12.24 -8.37 24.23
N VAL C 73 -12.67 -8.21 22.97
CA VAL C 73 -13.35 -6.99 22.56
C VAL C 73 -14.63 -6.78 23.36
N ARG C 74 -15.39 -7.84 23.58
CA ARG C 74 -16.65 -7.71 24.31
C ARG C 74 -16.40 -7.49 25.80
N LEU C 75 -15.34 -8.07 26.35
CA LEU C 75 -14.97 -7.79 27.73
C LEU C 75 -14.68 -6.32 27.93
N MET C 76 -14.04 -5.67 26.95
CA MET C 76 -13.79 -4.24 27.02
C MET C 76 -15.10 -3.45 27.06
N PHE C 77 -16.11 -3.91 26.32
CA PHE C 77 -17.42 -3.28 26.41
C PHE C 77 -18.13 -3.68 27.69
N SER C 78 -17.96 -4.93 28.12
CA SER C 78 -18.62 -5.39 29.34
C SER C 78 -18.13 -4.59 30.56
N ASN C 79 -16.83 -4.31 30.62
CA ASN C 79 -16.30 -3.51 31.72
C ASN C 79 -16.90 -2.10 31.70
N CYS C 80 -17.10 -1.54 30.51
CA CYS C 80 -17.66 -0.20 30.41
C CYS C 80 -19.11 -0.17 30.90
N TYR C 81 -19.91 -1.17 30.54
CA TYR C 81 -21.30 -1.23 31.00
C TYR C 81 -21.38 -1.49 32.50
N LYS C 82 -20.47 -2.31 33.03
CA LYS C 82 -20.51 -2.67 34.44
C LYS C 82 -20.11 -1.49 35.33
N TYR C 83 -19.07 -0.76 34.94
CA TYR C 83 -18.49 0.27 35.79
C TYR C 83 -19.23 1.59 35.67
N ASN C 84 -19.66 1.93 34.49
CA ASN C 84 -20.22 3.25 34.27
C ASN C 84 -21.74 3.24 34.41
N PRO C 85 -22.34 4.37 34.76
CA PRO C 85 -23.79 4.44 34.84
C PRO C 85 -24.41 4.25 33.47
N PRO C 86 -25.62 3.70 33.42
CA PRO C 86 -26.24 3.41 32.11
C PRO C 86 -26.55 4.64 31.27
N ASP C 87 -26.70 5.82 31.89
CA ASP C 87 -26.99 7.04 31.16
C ASP C 87 -25.75 7.85 30.82
N HIS C 88 -24.55 7.31 31.07
CA HIS C 88 -23.33 8.03 30.77
C HIS C 88 -23.06 8.00 29.28
N ASP C 89 -22.34 9.02 28.78
CA ASP C 89 -22.03 9.07 27.37
C ASP C 89 -21.15 7.92 26.94
N VAL C 90 -20.21 7.51 27.78
CA VAL C 90 -19.25 6.48 27.40
C VAL C 90 -19.91 5.12 27.16
N VAL C 91 -20.98 4.80 27.89
CA VAL C 91 -21.71 3.57 27.59
C VAL C 91 -22.43 3.69 26.24
N ALA C 92 -22.97 4.88 25.95
CA ALA C 92 -23.54 5.12 24.63
C ALA C 92 -22.45 5.05 23.57
N MET C 93 -21.25 5.55 23.88
CA MET C 93 -20.13 5.41 22.96
C MET C 93 -19.70 3.96 22.82
N ALA C 94 -19.86 3.17 23.89
CA ALA C 94 -19.56 1.74 23.79
C ALA C 94 -20.65 1.01 23.00
N ARG C 95 -21.91 1.36 23.23
CA ARG C 95 -23.00 0.75 22.47
C ARG C 95 -22.86 1.05 20.97
N LYS C 96 -22.51 2.29 20.63
CA LYS C 96 -22.34 2.66 19.23
C LYS C 96 -21.17 1.91 18.60
N LEU C 97 -20.05 1.81 19.31
CA LEU C 97 -18.88 1.14 18.77
C LEU C 97 -19.05 -0.38 18.73
N GLN C 98 -19.79 -0.95 19.68
CA GLN C 98 -19.98 -2.40 19.69
C GLN C 98 -20.78 -2.87 18.48
N ASP C 99 -21.76 -2.09 18.05
CA ASP C 99 -22.52 -2.45 16.86
C ASP C 99 -21.61 -2.53 15.64
N VAL C 100 -20.62 -1.65 15.55
CA VAL C 100 -19.66 -1.73 14.44
C VAL C 100 -18.84 -3.01 14.53
N PHE C 101 -18.43 -3.40 15.73
CA PHE C 101 -17.63 -4.61 15.90
C PHE C 101 -18.47 -5.87 15.65
N GLU C 102 -19.60 -6.00 16.35
CA GLU C 102 -20.38 -7.23 16.35
C GLU C 102 -20.89 -7.64 14.98
N PHE C 103 -20.84 -6.77 13.97
CA PHE C 103 -21.32 -7.15 12.65
C PHE C 103 -20.23 -7.11 11.58
N ARG C 104 -18.99 -6.79 11.94
CA ARG C 104 -17.87 -7.23 11.13
C ARG C 104 -17.48 -8.65 11.49
N TYR C 105 -17.59 -8.99 12.78
CA TYR C 105 -17.33 -10.35 13.24
C TYR C 105 -18.46 -11.30 12.83
N ALA C 106 -19.69 -10.80 12.71
CA ALA C 106 -20.81 -11.62 12.28
C ALA C 106 -20.70 -11.92 10.79
N SER D 2 21.11 -0.33 3.78
CA SER D 2 22.17 0.56 3.32
C SER D 2 21.59 1.77 2.61
N GLU D 3 20.71 1.52 1.64
CA GLU D 3 20.02 2.61 0.94
C GLU D 3 19.11 3.40 1.87
N GLN D 4 18.72 2.81 3.00
CA GLN D 4 17.78 3.48 3.89
C GLN D 4 18.42 4.71 4.54
N LEU D 5 19.60 4.55 5.15
CA LEU D 5 20.25 5.67 5.81
C LEU D 5 20.92 6.62 4.83
N LYS D 6 21.06 6.25 3.55
CA LYS D 6 21.40 7.24 2.55
C LYS D 6 20.22 8.19 2.32
N HIS D 7 19.01 7.65 2.27
CA HIS D 7 17.82 8.49 2.25
C HIS D 7 17.68 9.26 3.55
N CYS D 8 17.96 8.61 4.68
CA CYS D 8 17.88 9.29 5.97
C CYS D 8 18.93 10.39 6.08
N ASN D 9 20.10 10.21 5.46
CA ASN D 9 21.09 11.27 5.43
C ASN D 9 20.57 12.47 4.64
N GLY D 10 19.85 12.20 3.55
CA GLY D 10 19.23 13.28 2.81
C GLY D 10 18.13 13.97 3.61
N ILE D 11 17.38 13.20 4.41
CA ILE D 11 16.37 13.79 5.29
C ILE D 11 17.04 14.71 6.30
N LEU D 12 18.20 14.30 6.82
CA LEU D 12 18.89 15.12 7.81
C LEU D 12 19.45 16.40 7.19
N LYS D 13 20.03 16.30 5.99
CA LYS D 13 20.65 17.46 5.36
C LYS D 13 19.62 18.52 5.01
N GLU D 14 18.37 18.13 4.77
CA GLU D 14 17.35 19.11 4.42
C GLU D 14 16.79 19.80 5.66
N LEU D 15 16.63 19.06 6.76
CA LEU D 15 16.17 19.68 8.00
C LEU D 15 17.15 20.74 8.49
N LEU D 16 18.43 20.59 8.16
CA LEU D 16 19.45 21.57 8.52
C LEU D 16 19.66 22.61 7.44
N SER D 17 18.90 22.56 6.35
CA SER D 17 19.04 23.53 5.29
C SER D 17 18.34 24.83 5.66
N LYS D 18 18.67 25.89 4.92
CA LYS D 18 18.16 27.22 5.22
C LYS D 18 16.68 27.38 4.91
N LYS D 19 16.06 26.41 4.22
CA LYS D 19 14.64 26.50 3.94
C LYS D 19 13.81 26.43 5.22
N HIS D 20 14.33 25.77 6.26
CA HIS D 20 13.59 25.55 7.50
C HIS D 20 14.27 26.20 8.70
N ALA D 21 15.22 27.11 8.46
CA ALA D 21 16.00 27.70 9.53
C ALA D 21 15.15 28.55 10.48
N ALA D 22 13.94 28.95 10.05
CA ALA D 22 13.09 29.76 10.91
C ALA D 22 12.59 28.98 12.11
N TYR D 23 12.38 27.67 11.96
CA TYR D 23 11.84 26.84 13.04
C TYR D 23 12.76 25.69 13.42
N ALA D 24 13.88 25.50 12.72
CA ALA D 24 14.81 24.43 13.06
C ALA D 24 15.95 24.89 13.96
N TRP D 25 16.07 26.20 14.22
CA TRP D 25 17.17 26.72 15.02
C TRP D 25 17.09 26.33 16.50
N PRO D 26 15.90 26.12 17.10
CA PRO D 26 15.90 25.57 18.46
C PRO D 26 16.47 24.16 18.54
N PHE D 27 16.72 23.53 17.39
CA PHE D 27 17.17 22.15 17.34
C PHE D 27 18.56 21.99 16.73
N TYR D 28 19.25 23.09 16.43
CA TYR D 28 20.60 22.99 15.87
C TYR D 28 21.61 22.46 16.88
N LYS D 29 21.34 22.59 18.16
CA LYS D 29 22.27 22.21 19.22
C LYS D 29 21.45 21.65 20.39
N PRO D 30 22.11 20.94 21.32
CA PRO D 30 21.39 20.48 22.51
C PRO D 30 20.90 21.65 23.34
N VAL D 31 19.78 21.43 24.04
CA VAL D 31 19.20 22.46 24.87
C VAL D 31 20.18 22.84 25.97
N ASP D 32 20.46 24.14 26.08
CA ASP D 32 21.42 24.66 27.06
C ASP D 32 20.72 24.85 28.40
N ALA D 33 20.87 23.86 29.28
CA ALA D 33 20.26 23.88 30.60
C ALA D 33 20.93 24.85 31.56
N SER D 34 21.60 25.89 31.06
CA SER D 34 22.44 26.69 31.95
C SER D 34 22.15 28.19 31.92
N ALA D 35 21.77 28.73 30.76
CA ALA D 35 21.78 30.19 30.60
C ALA D 35 20.67 30.91 31.37
N LEU D 36 19.77 30.19 32.04
CA LEU D 36 18.80 30.75 32.99
C LEU D 36 17.94 29.62 33.54
N GLY D 37 16.70 29.52 33.09
CA GLY D 37 15.87 28.39 33.40
C GLY D 37 16.39 27.17 32.66
N LEU D 38 15.50 26.22 32.37
CA LEU D 38 15.85 24.97 31.70
C LEU D 38 16.81 24.13 32.55
N HIS D 39 17.08 24.53 33.79
CA HIS D 39 17.94 23.79 34.69
C HIS D 39 17.33 22.47 35.12
N ASP D 40 16.00 22.35 35.05
CA ASP D 40 15.28 21.11 35.32
C ASP D 40 15.10 20.26 34.08
N TYR D 41 15.79 20.58 32.98
CA TYR D 41 15.57 19.90 31.71
C TYR D 41 15.90 18.42 31.81
N HIS D 42 16.98 18.07 32.49
CA HIS D 42 17.39 16.68 32.62
C HIS D 42 16.61 15.93 33.69
N ASP D 43 15.84 16.62 34.54
CA ASP D 43 14.91 15.94 35.42
C ASP D 43 13.66 15.48 34.70
N ILE D 44 13.27 16.19 33.64
CA ILE D 44 12.06 15.87 32.89
C ILE D 44 12.38 15.10 31.62
N ILE D 45 13.45 15.47 30.93
CA ILE D 45 13.85 14.83 29.69
C ILE D 45 14.88 13.77 30.02
N LYS D 46 14.48 12.50 29.94
CA LYS D 46 15.34 11.39 30.32
C LYS D 46 16.32 11.01 29.21
N HIS D 47 16.05 11.36 27.96
CA HIS D 47 16.92 11.02 26.84
C HIS D 47 16.92 12.17 25.84
N PRO D 48 17.75 13.18 26.07
CA PRO D 48 17.83 14.31 25.12
C PRO D 48 18.40 13.90 23.77
N MET D 49 18.03 14.66 22.75
CA MET D 49 18.52 14.41 21.39
C MET D 49 18.34 15.68 20.57
N ASP D 50 19.31 15.94 19.69
CA ASP D 50 19.26 17.10 18.80
C ASP D 50 19.85 16.71 17.45
N LEU D 51 19.87 17.67 16.53
CA LEU D 51 20.31 17.40 15.16
C LEU D 51 21.82 17.43 15.01
N SER D 52 22.53 18.15 15.88
CA SER D 52 23.98 18.11 15.82
C SER D 52 24.50 16.75 16.27
N THR D 53 23.78 16.08 17.16
CA THR D 53 24.12 14.72 17.56
C THR D 53 23.68 13.71 16.51
N VAL D 54 22.50 13.92 15.90
CA VAL D 54 22.07 13.05 14.80
C VAL D 54 23.07 13.11 13.66
N LYS D 55 23.55 14.32 13.32
CA LYS D 55 24.58 14.44 12.32
C LYS D 55 25.88 13.79 12.78
N ARG D 56 26.18 13.88 14.08
CA ARG D 56 27.34 13.19 14.62
C ARG D 56 27.15 11.68 14.54
N LYS D 57 26.00 11.17 15.00
CA LYS D 57 25.71 9.75 14.88
C LYS D 57 25.55 9.31 13.43
N MET D 58 25.36 10.25 12.49
CA MET D 58 25.35 9.90 11.08
C MET D 58 26.77 9.81 10.55
N GLU D 59 27.62 10.77 10.93
CA GLU D 59 29.04 10.69 10.58
C GLU D 59 29.70 9.51 11.26
N ASN D 60 29.23 9.14 12.47
CA ASN D 60 29.74 7.94 13.12
C ASN D 60 29.19 6.68 12.48
N ARG D 61 28.12 6.80 11.68
CA ARG D 61 27.36 5.67 11.16
C ARG D 61 26.85 4.78 12.29
N ASP D 62 26.45 5.44 13.39
CA ASP D 62 25.91 4.78 14.58
C ASP D 62 24.46 4.32 14.40
N TYR D 63 23.87 4.54 13.24
CA TYR D 63 22.51 4.08 12.94
C TYR D 63 22.58 2.82 12.09
N ARG D 64 21.82 1.80 12.49
CA ARG D 64 21.81 0.54 11.76
C ARG D 64 20.82 0.52 10.62
N ASP D 65 19.73 1.28 10.72
CA ASP D 65 18.68 1.29 9.70
C ASP D 65 17.87 2.56 9.87
N ALA D 66 16.90 2.74 8.97
CA ALA D 66 16.06 3.93 8.98
C ALA D 66 15.20 4.03 10.23
N GLN D 67 15.08 2.96 11.01
CA GLN D 67 14.23 2.99 12.20
C GLN D 67 14.92 3.70 13.36
N GLU D 68 16.18 3.34 13.63
CA GLU D 68 16.92 4.04 14.69
C GLU D 68 17.07 5.52 14.35
N PHE D 69 17.24 5.85 13.07
CA PHE D 69 17.26 7.25 12.68
C PHE D 69 15.94 7.92 13.01
N ALA D 70 14.82 7.29 12.59
CA ALA D 70 13.51 7.84 12.89
C ALA D 70 13.22 7.82 14.38
N ALA D 71 13.82 6.88 15.11
CA ALA D 71 13.61 6.82 16.55
C ALA D 71 14.22 8.01 17.25
N ASP D 72 15.41 8.42 16.86
CA ASP D 72 16.06 9.57 17.49
C ASP D 72 15.30 10.85 17.16
N VAL D 73 14.88 11.01 15.91
CA VAL D 73 14.15 12.22 15.50
C VAL D 73 12.81 12.31 16.23
N ARG D 74 12.07 11.19 16.29
CA ARG D 74 10.78 11.20 16.96
C ARG D 74 10.94 11.41 18.47
N LEU D 75 11.96 10.80 19.07
CA LEU D 75 12.27 11.06 20.46
C LEU D 75 12.70 12.51 20.66
N MET D 76 13.46 13.07 19.71
CA MET D 76 13.89 14.45 19.80
C MET D 76 12.70 15.41 19.79
N PHE D 77 11.67 15.10 19.00
CA PHE D 77 10.44 15.88 19.05
C PHE D 77 9.61 15.54 20.29
N SER D 78 9.63 14.28 20.71
CA SER D 78 8.85 13.88 21.87
C SER D 78 9.31 14.62 23.12
N ASN D 79 10.64 14.80 23.28
CA ASN D 79 11.16 15.55 24.42
C ASN D 79 10.68 16.99 24.41
N CYS D 80 10.59 17.61 23.24
CA CYS D 80 10.14 19.00 23.16
C CYS D 80 8.67 19.14 23.56
N TYR D 81 7.83 18.20 23.14
CA TYR D 81 6.41 18.24 23.50
C TYR D 81 6.20 18.01 24.98
N LYS D 82 7.04 17.17 25.60
CA LYS D 82 6.86 16.86 27.02
C LYS D 82 7.24 18.06 27.88
N TYR D 83 8.33 18.75 27.54
CA TYR D 83 8.85 19.79 28.44
C TYR D 83 8.17 21.13 28.22
N ASN D 84 7.87 21.48 26.95
CA ASN D 84 7.38 22.83 26.68
C ASN D 84 5.85 22.89 26.75
N PRO D 85 5.30 24.07 27.07
CA PRO D 85 3.86 24.21 27.06
C PRO D 85 3.31 24.06 25.66
N PRO D 86 2.08 23.56 25.53
CA PRO D 86 1.53 23.31 24.18
C PRO D 86 1.35 24.55 23.35
N ASP D 87 1.19 25.73 23.97
CA ASP D 87 1.02 26.97 23.24
C ASP D 87 2.32 27.74 23.05
N HIS D 88 3.46 27.14 23.38
CA HIS D 88 4.74 27.81 23.23
C HIS D 88 5.16 27.82 21.76
N ASP D 89 5.92 28.84 21.39
CA ASP D 89 6.39 28.95 20.00
C ASP D 89 7.31 27.78 19.65
N VAL D 90 8.12 27.33 20.61
CA VAL D 90 9.05 26.24 20.33
C VAL D 90 8.29 24.96 20.00
N VAL D 91 7.11 24.77 20.59
CA VAL D 91 6.28 23.63 20.22
C VAL D 91 5.75 23.78 18.80
N ALA D 92 5.37 25.00 18.42
CA ALA D 92 4.96 25.25 17.04
C ALA D 92 6.11 25.03 16.07
N MET D 93 7.32 25.47 16.44
CA MET D 93 8.49 25.22 15.60
C MET D 93 8.84 23.75 15.54
N ALA D 94 8.53 22.99 16.61
CA ALA D 94 8.77 21.55 16.59
C ALA D 94 7.76 20.83 15.68
N ARG D 95 6.49 21.20 15.80
CA ARG D 95 5.45 20.53 15.01
C ARG D 95 5.63 20.79 13.52
N LYS D 96 6.02 22.00 13.14
CA LYS D 96 6.22 22.32 11.73
C LYS D 96 7.29 21.44 11.11
N LEU D 97 8.41 21.28 11.81
CA LEU D 97 9.52 20.50 11.26
C LEU D 97 9.21 19.01 11.27
N GLN D 98 8.45 18.53 12.26
CA GLN D 98 8.09 17.11 12.30
C GLN D 98 7.18 16.74 11.13
N ASP D 99 6.28 17.64 10.74
CA ASP D 99 5.48 17.38 9.55
C ASP D 99 6.37 17.21 8.33
N VAL D 100 7.46 17.98 8.26
CA VAL D 100 8.44 17.79 7.18
C VAL D 100 9.13 16.45 7.34
N PHE D 101 9.44 16.05 8.57
CA PHE D 101 10.12 14.77 8.80
C PHE D 101 9.20 13.60 8.50
N GLU D 102 8.05 13.53 9.17
CA GLU D 102 7.15 12.39 9.02
C GLU D 102 6.59 12.25 7.60
N PHE D 103 6.98 13.16 6.70
CA PHE D 103 6.60 13.07 5.29
C PHE D 103 7.77 12.70 4.41
N ARG D 104 8.91 13.41 4.52
CA ARG D 104 10.10 12.98 3.80
C ARG D 104 10.62 11.64 4.30
N TYR D 105 10.19 11.21 5.48
CA TYR D 105 10.47 9.85 5.93
C TYR D 105 9.40 8.87 5.47
N ALA D 106 8.16 9.33 5.31
CA ALA D 106 7.11 8.45 4.81
C ALA D 106 7.28 8.16 3.33
N LYS D 107 7.97 9.04 2.60
CA LYS D 107 8.35 8.77 1.21
C LYS D 107 9.62 7.93 1.18
N MET D 108 9.61 6.80 1.89
CA MET D 108 10.77 5.94 2.00
C MET D 108 11.14 5.30 0.66
N SER E 1 -23.79 23.52 -23.16
CA SER E 1 -23.29 23.68 -21.81
C SER E 1 -24.14 24.69 -21.03
N SER E 2 -25.26 25.10 -21.62
CA SER E 2 -26.15 26.07 -21.00
C SER E 2 -27.58 25.56 -20.99
N GLU E 3 -28.16 25.42 -22.18
CA GLU E 3 -29.54 24.95 -22.27
C GLU E 3 -29.69 23.48 -21.91
N GLN E 4 -28.59 22.75 -21.76
CA GLN E 4 -28.66 21.37 -21.27
C GLN E 4 -28.63 21.32 -19.75
N LEU E 5 -27.79 22.16 -19.12
CA LEU E 5 -27.76 22.21 -17.66
C LEU E 5 -29.04 22.82 -17.11
N LYS E 6 -29.64 23.76 -17.83
CA LYS E 6 -30.93 24.30 -17.41
C LYS E 6 -32.01 23.22 -17.44
N HIS E 7 -31.96 22.35 -18.45
CA HIS E 7 -32.90 21.24 -18.49
C HIS E 7 -32.54 20.16 -17.48
N CYS E 8 -31.25 19.97 -17.20
CA CYS E 8 -30.87 19.07 -16.12
C CYS E 8 -31.38 19.58 -14.78
N ASN E 9 -31.46 20.90 -14.61
CA ASN E 9 -32.04 21.44 -13.39
C ASN E 9 -33.52 21.10 -13.30
N GLY E 10 -34.24 21.17 -14.42
CA GLY E 10 -35.63 20.75 -14.42
C GLY E 10 -35.80 19.28 -14.13
N ILE E 11 -34.87 18.45 -14.63
CA ILE E 11 -34.89 17.03 -14.28
C ILE E 11 -34.65 16.85 -12.79
N LEU E 12 -33.75 17.66 -12.21
CA LEU E 12 -33.47 17.56 -10.80
C LEU E 12 -34.66 18.04 -9.97
N LYS E 13 -35.37 19.06 -10.44
CA LYS E 13 -36.62 19.45 -9.80
C LYS E 13 -37.64 18.33 -9.90
N GLU E 14 -37.67 17.64 -11.04
CA GLU E 14 -38.64 16.56 -11.25
C GLU E 14 -38.36 15.39 -10.32
N LEU E 15 -37.09 15.02 -10.16
CA LEU E 15 -36.74 13.94 -9.25
C LEU E 15 -37.02 14.31 -7.80
N LEU E 16 -36.95 15.60 -7.47
CA LEU E 16 -37.23 16.10 -6.13
C LEU E 16 -38.67 16.54 -5.93
N SER E 17 -39.53 16.36 -6.93
CA SER E 17 -40.93 16.76 -6.81
C SER E 17 -41.71 15.74 -5.99
N LYS E 18 -42.92 16.14 -5.59
CA LYS E 18 -43.79 15.24 -4.83
C LYS E 18 -44.32 14.11 -5.70
N LYS E 19 -44.33 14.28 -7.02
CA LYS E 19 -44.84 13.23 -7.90
C LYS E 19 -44.09 11.92 -7.68
N HIS E 20 -42.78 11.99 -7.47
CA HIS E 20 -41.94 10.81 -7.37
C HIS E 20 -41.42 10.57 -5.96
N ALA E 21 -42.01 11.23 -4.95
CA ALA E 21 -41.48 11.12 -3.60
C ALA E 21 -41.63 9.72 -3.03
N ALA E 22 -42.51 8.89 -3.61
CA ALA E 22 -42.71 7.54 -3.11
C ALA E 22 -41.48 6.67 -3.33
N TYR E 23 -40.73 6.92 -4.40
CA TYR E 23 -39.56 6.12 -4.73
C TYR E 23 -38.27 6.93 -4.83
N ALA E 24 -38.34 8.26 -4.71
CA ALA E 24 -37.14 9.10 -4.75
C ALA E 24 -36.60 9.47 -3.38
N TRP E 25 -37.31 9.16 -2.30
CA TRP E 25 -36.89 9.60 -0.97
C TRP E 25 -35.63 8.93 -0.43
N PRO E 26 -35.28 7.68 -0.79
CA PRO E 26 -34.01 7.11 -0.30
C PRO E 26 -32.78 7.85 -0.81
N PHE E 27 -32.94 8.79 -1.75
CA PHE E 27 -31.82 9.48 -2.36
C PHE E 27 -31.82 10.96 -2.05
N TYR E 28 -32.71 11.41 -1.16
CA TYR E 28 -32.78 12.83 -0.80
C TYR E 28 -31.55 13.29 -0.03
N LYS E 29 -30.93 12.40 0.74
CA LYS E 29 -29.79 12.73 1.58
C LYS E 29 -28.76 11.63 1.46
N PRO E 30 -27.50 11.91 1.80
CA PRO E 30 -26.47 10.85 1.73
C PRO E 30 -26.83 9.69 2.64
N VAL E 31 -26.45 8.49 2.22
CA VAL E 31 -26.75 7.31 3.02
C VAL E 31 -25.98 7.40 4.33
N ASP E 32 -26.71 7.36 5.45
CA ASP E 32 -26.12 7.40 6.78
C ASP E 32 -25.81 5.96 7.18
N ALA E 33 -24.55 5.56 6.99
CA ALA E 33 -24.16 4.19 7.29
C ALA E 33 -24.16 3.88 8.78
N SER E 34 -24.23 4.91 9.64
CA SER E 34 -24.24 4.71 11.07
C SER E 34 -25.66 4.63 11.63
N ALA E 35 -26.58 5.46 11.13
CA ALA E 35 -27.95 5.47 11.64
C ALA E 35 -28.75 4.29 11.12
N LEU E 36 -28.50 3.88 9.87
CA LEU E 36 -29.22 2.76 9.28
C LEU E 36 -28.67 1.40 9.68
N GLY E 37 -27.55 1.36 10.40
CA GLY E 37 -26.91 0.10 10.71
C GLY E 37 -26.45 -0.60 9.45
N LEU E 38 -25.38 -0.08 8.87
CA LEU E 38 -24.83 -0.53 7.59
C LEU E 38 -23.41 -0.02 7.48
N HIS E 39 -22.57 -0.41 8.44
CA HIS E 39 -21.26 0.22 8.60
C HIS E 39 -20.32 -0.11 7.44
N ASP E 40 -20.49 -1.28 6.82
CA ASP E 40 -19.67 -1.67 5.68
C ASP E 40 -20.04 -0.92 4.40
N TYR E 41 -20.88 0.11 4.45
CA TYR E 41 -21.29 0.80 3.23
C TYR E 41 -20.10 1.49 2.56
N HIS E 42 -19.27 2.16 3.35
CA HIS E 42 -18.15 2.91 2.79
C HIS E 42 -16.95 2.01 2.47
N ASP E 43 -16.93 0.77 2.95
CA ASP E 43 -15.94 -0.18 2.47
C ASP E 43 -16.31 -0.72 1.10
N ILE E 44 -17.60 -0.77 0.79
CA ILE E 44 -18.10 -1.30 -0.47
C ILE E 44 -18.39 -0.18 -1.47
N ILE E 45 -18.99 0.90 -1.00
CA ILE E 45 -19.32 2.05 -1.85
C ILE E 45 -18.23 3.09 -1.67
N LYS E 46 -17.42 3.29 -2.71
CA LYS E 46 -16.30 4.21 -2.64
C LYS E 46 -16.65 5.64 -3.02
N HIS E 47 -17.80 5.87 -3.65
CA HIS E 47 -18.23 7.20 -4.04
C HIS E 47 -19.72 7.35 -3.81
N PRO E 48 -20.13 7.72 -2.60
CA PRO E 48 -21.55 7.93 -2.35
C PRO E 48 -22.11 9.08 -3.18
N MET E 49 -23.42 9.03 -3.41
CA MET E 49 -24.09 10.07 -4.18
C MET E 49 -25.57 10.07 -3.84
N ASP E 50 -26.13 11.27 -3.74
CA ASP E 50 -27.55 11.46 -3.48
C ASP E 50 -28.02 12.71 -4.20
N LEU E 51 -29.30 13.03 -4.04
CA LEU E 51 -29.89 14.15 -4.75
C LEU E 51 -29.56 15.48 -4.09
N SER E 52 -29.28 15.49 -2.77
CA SER E 52 -28.86 16.72 -2.13
C SER E 52 -27.44 17.11 -2.56
N THR E 53 -26.61 16.12 -2.89
CA THR E 53 -25.27 16.44 -3.39
C THR E 53 -25.34 16.92 -4.83
N VAL E 54 -26.17 16.29 -5.65
CA VAL E 54 -26.39 16.76 -7.02
C VAL E 54 -26.97 18.16 -7.00
N LYS E 55 -27.77 18.50 -5.99
CA LYS E 55 -28.36 19.82 -5.90
C LYS E 55 -27.32 20.88 -5.52
N ARG E 56 -26.43 20.57 -4.58
CA ARG E 56 -25.40 21.53 -4.22
C ARG E 56 -24.40 21.74 -5.35
N LYS E 57 -24.11 20.69 -6.12
CA LYS E 57 -23.24 20.84 -7.27
C LYS E 57 -23.92 21.56 -8.43
N MET E 58 -25.25 21.66 -8.41
CA MET E 58 -25.96 22.46 -9.39
C MET E 58 -25.97 23.93 -9.01
N GLU E 59 -26.20 24.23 -7.73
CA GLU E 59 -26.18 25.60 -7.27
C GLU E 59 -24.77 26.20 -7.39
N ASN E 60 -23.75 25.39 -7.14
CA ASN E 60 -22.36 25.81 -7.30
C ASN E 60 -21.90 25.82 -8.76
N ARG E 61 -22.77 25.48 -9.71
CA ARG E 61 -22.41 25.43 -11.13
C ARG E 61 -21.20 24.53 -11.36
N ASP E 62 -21.15 23.43 -10.61
CA ASP E 62 -20.01 22.52 -10.68
C ASP E 62 -19.99 21.74 -11.99
N TYR E 63 -21.16 21.35 -12.48
CA TYR E 63 -21.23 20.57 -13.71
C TYR E 63 -20.91 21.44 -14.92
N ARG E 64 -20.17 20.87 -15.87
CA ARG E 64 -19.83 21.56 -17.11
C ARG E 64 -20.72 21.17 -18.28
N ASP E 65 -21.36 20.01 -18.22
CA ASP E 65 -22.27 19.58 -19.28
C ASP E 65 -23.27 18.60 -18.70
N ALA E 66 -24.25 18.22 -19.53
CA ALA E 66 -25.30 17.31 -19.09
C ALA E 66 -24.75 15.93 -18.76
N GLN E 67 -23.73 15.48 -19.50
CA GLN E 67 -23.20 14.14 -19.30
C GLN E 67 -22.52 13.99 -17.94
N GLU E 68 -22.00 15.09 -17.40
CA GLU E 68 -21.45 15.05 -16.04
C GLU E 68 -22.57 14.98 -15.01
N PHE E 69 -23.68 15.68 -15.27
CA PHE E 69 -24.86 15.58 -14.42
C PHE E 69 -25.40 14.16 -14.41
N ALA E 70 -25.56 13.56 -15.59
CA ALA E 70 -26.09 12.21 -15.69
C ALA E 70 -25.16 11.19 -15.03
N ALA E 71 -23.86 11.49 -14.97
CA ALA E 71 -22.94 10.56 -14.33
C ALA E 71 -23.19 10.47 -12.83
N ASP E 72 -23.42 11.60 -12.17
CA ASP E 72 -23.68 11.57 -10.73
C ASP E 72 -25.01 10.89 -10.42
N VAL E 73 -26.04 11.18 -11.22
CA VAL E 73 -27.34 10.58 -10.99
C VAL E 73 -27.25 9.06 -11.13
N ARG E 74 -26.55 8.59 -12.15
CA ARG E 74 -26.36 7.15 -12.34
C ARG E 74 -25.39 6.55 -11.33
N LEU E 75 -24.43 7.33 -10.84
CA LEU E 75 -23.57 6.84 -9.76
C LEU E 75 -24.37 6.61 -8.50
N MET E 76 -25.33 7.48 -8.22
CA MET E 76 -26.21 7.30 -7.08
C MET E 76 -27.05 6.03 -7.22
N PHE E 77 -27.47 5.70 -8.44
CA PHE E 77 -28.18 4.45 -8.68
C PHE E 77 -27.23 3.26 -8.65
N SER E 78 -26.02 3.42 -9.18
CA SER E 78 -25.06 2.33 -9.25
C SER E 78 -24.68 1.83 -7.85
N ASN E 79 -24.47 2.76 -6.91
CA ASN E 79 -24.15 2.35 -5.55
C ASN E 79 -25.26 1.53 -4.93
N CYS E 80 -26.51 1.90 -5.24
CA CYS E 80 -27.64 1.13 -4.72
C CYS E 80 -27.66 -0.27 -5.32
N TYR E 81 -27.36 -0.39 -6.61
CA TYR E 81 -27.31 -1.70 -7.23
C TYR E 81 -26.16 -2.54 -6.69
N LYS E 82 -25.03 -1.90 -6.37
CA LYS E 82 -23.89 -2.65 -5.85
C LYS E 82 -24.12 -3.13 -4.43
N TYR E 83 -24.67 -2.26 -3.57
CA TYR E 83 -24.69 -2.57 -2.14
C TYR E 83 -25.89 -3.42 -1.74
N ASN E 84 -27.05 -3.16 -2.30
CA ASN E 84 -28.25 -3.86 -1.83
C ASN E 84 -28.49 -5.12 -2.64
N PRO E 85 -29.19 -6.11 -2.06
CA PRO E 85 -29.56 -7.27 -2.83
C PRO E 85 -30.48 -6.88 -3.96
N PRO E 86 -30.47 -7.64 -5.06
CA PRO E 86 -31.29 -7.25 -6.23
C PRO E 86 -32.79 -7.21 -5.94
N ASP E 87 -33.26 -7.90 -4.91
CA ASP E 87 -34.67 -7.92 -4.54
C ASP E 87 -35.02 -6.89 -3.49
N HIS E 88 -34.09 -5.99 -3.14
CA HIS E 88 -34.35 -5.00 -2.11
C HIS E 88 -35.28 -3.91 -2.63
N ASP E 89 -36.06 -3.33 -1.71
CA ASP E 89 -37.01 -2.29 -2.08
C ASP E 89 -36.31 -1.05 -2.63
N VAL E 90 -35.15 -0.69 -2.06
CA VAL E 90 -34.47 0.52 -2.51
C VAL E 90 -33.99 0.38 -3.95
N VAL E 91 -33.69 -0.85 -4.37
CA VAL E 91 -33.36 -1.09 -5.78
C VAL E 91 -34.59 -0.90 -6.66
N ALA E 92 -35.76 -1.32 -6.18
CA ALA E 92 -36.99 -1.04 -6.92
C ALA E 92 -37.26 0.46 -6.99
N MET E 93 -37.01 1.17 -5.90
CA MET E 93 -37.15 2.62 -5.93
C MET E 93 -36.09 3.27 -6.79
N ALA E 94 -34.90 2.67 -6.87
CA ALA E 94 -33.86 3.20 -7.77
C ALA E 94 -34.21 2.92 -9.22
N ARG E 95 -34.77 1.74 -9.50
CA ARG E 95 -35.16 1.41 -10.87
C ARG E 95 -36.26 2.33 -11.38
N LYS E 96 -37.28 2.58 -10.56
CA LYS E 96 -38.36 3.47 -10.97
C LYS E 96 -37.84 4.91 -11.11
N LEU E 97 -37.01 5.36 -10.17
CA LEU E 97 -36.50 6.72 -10.29
C LEU E 97 -35.56 6.85 -11.46
N GLN E 98 -34.76 5.82 -11.74
CA GLN E 98 -33.89 5.83 -12.92
C GLN E 98 -34.73 5.77 -14.19
N ASP E 99 -35.85 5.04 -14.14
CA ASP E 99 -36.77 5.04 -15.26
C ASP E 99 -37.31 6.45 -15.51
N VAL E 100 -37.59 7.20 -14.44
CA VAL E 100 -38.01 8.59 -14.59
C VAL E 100 -36.86 9.44 -15.11
N PHE E 101 -35.65 9.17 -14.63
CA PHE E 101 -34.49 9.95 -15.05
C PHE E 101 -34.16 9.69 -16.51
N GLU E 102 -33.95 8.41 -16.87
CA GLU E 102 -33.47 8.08 -18.21
C GLU E 102 -34.42 8.51 -19.32
N PHE E 103 -35.71 8.66 -19.01
CA PHE E 103 -36.66 9.12 -20.01
C PHE E 103 -36.75 10.65 -20.08
N ARG E 104 -36.71 11.33 -18.94
CA ARG E 104 -36.66 12.79 -18.97
C ARG E 104 -35.31 13.28 -19.49
N TYR E 105 -34.25 12.50 -19.26
CA TYR E 105 -32.93 12.87 -19.75
C TYR E 105 -32.78 12.58 -21.24
N ALA E 106 -33.46 11.53 -21.74
CA ALA E 106 -33.41 11.22 -23.16
C ALA E 106 -34.21 12.21 -23.98
N LYS E 107 -35.38 12.62 -23.49
CA LYS E 107 -36.22 13.59 -24.20
C LYS E 107 -35.68 15.02 -24.13
N MET E 108 -34.47 15.21 -23.62
CA MET E 108 -33.84 16.52 -23.66
C MET E 108 -33.45 16.87 -25.09
N PRO E 109 -33.78 18.06 -25.58
CA PRO E 109 -33.51 18.45 -26.97
C PRO E 109 -32.02 18.53 -27.31
N SER F 1 -0.78 42.12 -31.83
CA SER F 1 -0.59 41.48 -30.53
C SER F 1 -1.32 42.25 -29.42
N SER F 2 -1.54 43.55 -29.64
CA SER F 2 -2.36 44.32 -28.70
C SER F 2 -3.80 43.82 -28.68
N GLU F 3 -4.31 43.38 -29.83
CA GLU F 3 -5.61 42.70 -29.86
C GLU F 3 -5.54 41.41 -29.07
N GLN F 4 -4.40 40.72 -29.12
CA GLN F 4 -4.29 39.39 -28.50
C GLN F 4 -4.49 39.49 -26.99
N LEU F 5 -3.72 40.34 -26.32
CA LEU F 5 -3.75 40.36 -24.86
C LEU F 5 -5.01 41.02 -24.32
N LYS F 6 -5.60 41.95 -25.06
CA LYS F 6 -6.86 42.52 -24.62
C LYS F 6 -7.97 41.47 -24.62
N HIS F 7 -7.88 40.46 -25.49
CA HIS F 7 -8.78 39.32 -25.40
C HIS F 7 -8.29 38.28 -24.41
N CYS F 8 -6.98 38.23 -24.13
CA CYS F 8 -6.48 37.33 -23.11
C CYS F 8 -6.93 37.76 -21.71
N ASN F 9 -7.06 39.06 -21.47
CA ASN F 9 -7.55 39.53 -20.19
C ASN F 9 -9.00 39.13 -19.97
N GLY F 10 -9.81 39.16 -21.04
CA GLY F 10 -11.18 38.68 -20.92
C GLY F 10 -11.26 37.20 -20.61
N ILE F 11 -10.33 36.41 -21.15
CA ILE F 11 -10.26 35.00 -20.81
C ILE F 11 -9.96 34.82 -19.33
N LEU F 12 -9.08 35.66 -18.79
CA LEU F 12 -8.73 35.58 -17.38
C LEU F 12 -9.88 36.03 -16.48
N LYS F 13 -10.72 36.97 -16.96
CA LYS F 13 -11.84 37.41 -16.14
C LYS F 13 -12.83 36.28 -15.91
N GLU F 14 -13.05 35.44 -16.93
CA GLU F 14 -14.00 34.34 -16.78
C GLU F 14 -13.43 33.22 -15.92
N LEU F 15 -12.13 32.91 -16.05
CA LEU F 15 -11.54 31.88 -15.21
C LEU F 15 -11.62 32.26 -13.74
N LEU F 16 -11.59 33.56 -13.43
CA LEU F 16 -11.74 34.05 -12.07
C LEU F 16 -13.17 34.46 -11.74
N SER F 17 -14.09 34.28 -12.67
CA SER F 17 -15.49 34.62 -12.43
C SER F 17 -16.18 33.55 -11.61
N LYS F 18 -17.39 33.87 -11.14
CA LYS F 18 -18.18 32.96 -10.33
C LYS F 18 -18.69 31.76 -11.12
N LYS F 19 -18.65 31.81 -12.45
CA LYS F 19 -19.17 30.71 -13.24
C LYS F 19 -18.35 29.44 -13.05
N HIS F 20 -17.05 29.57 -12.75
CA HIS F 20 -16.16 28.42 -12.69
C HIS F 20 -15.53 28.25 -11.31
N ALA F 21 -16.07 28.90 -10.29
CA ALA F 21 -15.45 28.87 -8.97
C ALA F 21 -15.43 27.49 -8.35
N ALA F 22 -16.27 26.56 -8.83
CA ALA F 22 -16.31 25.23 -8.22
C ALA F 22 -15.03 24.45 -8.50
N TYR F 23 -14.40 24.66 -9.65
CA TYR F 23 -13.22 23.92 -10.03
C TYR F 23 -12.00 24.79 -10.30
N ALA F 24 -12.16 26.12 -10.30
CA ALA F 24 -11.04 27.02 -10.49
C ALA F 24 -10.44 27.52 -9.20
N TRP F 25 -11.06 27.24 -8.06
CA TRP F 25 -10.59 27.78 -6.78
C TRP F 25 -9.26 27.19 -6.30
N PRO F 26 -8.90 25.94 -6.63
CA PRO F 26 -7.56 25.47 -6.23
C PRO F 26 -6.44 26.26 -6.91
N PHE F 27 -6.76 27.09 -7.89
CA PHE F 27 -5.77 27.83 -8.66
C PHE F 27 -5.93 29.34 -8.48
N TYR F 28 -6.80 29.77 -7.56
CA TYR F 28 -7.00 31.18 -7.29
C TYR F 28 -5.79 31.82 -6.63
N LYS F 29 -4.96 31.04 -5.95
CA LYS F 29 -3.82 31.54 -5.20
C LYS F 29 -2.65 30.57 -5.37
N PRO F 30 -1.41 31.03 -5.16
CA PRO F 30 -0.29 30.10 -5.23
C PRO F 30 -0.46 28.97 -4.24
N VAL F 31 0.07 27.80 -4.62
CA VAL F 31 -0.03 26.62 -3.77
C VAL F 31 0.74 26.86 -2.48
N ASP F 32 0.05 26.75 -1.35
CA ASP F 32 0.68 26.86 -0.04
C ASP F 32 1.13 25.46 0.36
N ALA F 33 2.40 25.16 0.08
CA ALA F 33 2.95 23.84 0.34
C ALA F 33 3.13 23.59 1.83
N SER F 34 3.41 24.64 2.60
CA SER F 34 3.62 24.47 4.04
C SER F 34 2.32 24.13 4.76
N ALA F 35 1.21 24.76 4.36
CA ALA F 35 -0.02 24.63 5.13
C ALA F 35 -0.67 23.27 4.92
N LEU F 36 -0.60 22.74 3.71
CA LEU F 36 -1.32 21.52 3.36
C LEU F 36 -0.51 20.24 3.58
N GLY F 37 0.69 20.34 4.15
CA GLY F 37 1.54 19.18 4.29
C GLY F 37 1.94 18.64 2.93
N LEU F 38 2.87 19.34 2.28
CA LEU F 38 3.28 19.05 0.91
C LEU F 38 4.64 19.67 0.69
N HIS F 39 5.59 19.31 1.54
CA HIS F 39 6.89 19.98 1.57
C HIS F 39 7.77 19.59 0.40
N ASP F 40 7.45 18.51 -0.30
CA ASP F 40 8.17 18.13 -1.50
C ASP F 40 7.57 18.73 -2.77
N TYR F 41 6.61 19.65 -2.63
CA TYR F 41 5.97 20.23 -3.80
C TYR F 41 6.96 21.05 -4.62
N HIS F 42 7.80 21.84 -3.95
CA HIS F 42 8.77 22.70 -4.62
C HIS F 42 10.01 21.93 -5.07
N ASP F 43 10.18 20.69 -4.60
CA ASP F 43 11.20 19.83 -5.17
C ASP F 43 10.77 19.28 -6.51
N ILE F 44 9.46 19.13 -6.72
CA ILE F 44 8.92 18.59 -7.95
C ILE F 44 8.46 19.69 -8.89
N ILE F 45 7.83 20.73 -8.37
CA ILE F 45 7.30 21.83 -9.17
C ILE F 45 8.35 22.94 -9.14
N LYS F 46 9.13 23.03 -10.21
CA LYS F 46 10.17 24.04 -10.29
C LYS F 46 9.62 25.44 -10.56
N HIS F 47 8.39 25.53 -11.08
CA HIS F 47 7.80 26.81 -11.46
C HIS F 47 6.32 26.80 -11.12
N PRO F 48 5.98 27.16 -9.89
CA PRO F 48 4.55 27.22 -9.51
C PRO F 48 3.82 28.28 -10.31
N MET F 49 2.51 28.09 -10.44
CA MET F 49 1.70 29.03 -11.20
C MET F 49 0.24 28.95 -10.75
N ASP F 50 -0.39 30.11 -10.66
CA ASP F 50 -1.78 30.21 -10.30
C ASP F 50 -2.39 31.38 -11.07
N LEU F 51 -3.69 31.60 -10.87
CA LEU F 51 -4.39 32.63 -11.62
C LEU F 51 -4.18 34.02 -11.03
N SER F 52 -3.89 34.12 -9.73
CA SER F 52 -3.57 35.43 -9.17
C SER F 52 -2.21 35.92 -9.63
N THR F 53 -1.29 35.00 -9.90
CA THR F 53 0.01 35.39 -10.44
C THR F 53 -0.09 35.76 -11.91
N VAL F 54 -0.86 35.01 -12.69
CA VAL F 54 -1.09 35.37 -14.08
C VAL F 54 -1.75 36.73 -14.18
N LYS F 55 -2.65 37.05 -13.24
CA LYS F 55 -3.25 38.39 -13.20
C LYS F 55 -2.22 39.44 -12.80
N ARG F 56 -1.29 39.10 -11.90
CA ARG F 56 -0.20 40.02 -11.60
C ARG F 56 0.65 40.28 -12.84
N LYS F 57 1.04 39.21 -13.54
CA LYS F 57 1.91 39.34 -14.70
C LYS F 57 1.22 40.03 -15.87
N MET F 58 -0.11 40.13 -15.85
CA MET F 58 -0.80 40.90 -16.86
C MET F 58 -0.83 42.38 -16.49
N GLU F 59 -1.09 42.70 -15.22
CA GLU F 59 -1.05 44.08 -14.78
C GLU F 59 0.36 44.66 -14.89
N ASN F 60 1.39 43.84 -14.66
CA ASN F 60 2.77 44.27 -14.84
C ASN F 60 3.20 44.32 -16.30
N ARG F 61 2.30 43.99 -17.23
CA ARG F 61 2.60 43.97 -18.67
C ARG F 61 3.75 43.02 -18.98
N ASP F 62 3.88 41.93 -18.21
CA ASP F 62 4.96 40.98 -18.44
C ASP F 62 4.80 40.24 -19.76
N TYR F 63 3.56 39.99 -20.18
CA TYR F 63 3.32 39.21 -21.39
C TYR F 63 3.47 40.09 -22.63
N ARG F 64 4.24 39.61 -23.60
CA ARG F 64 4.46 40.30 -24.86
C ARG F 64 3.56 39.79 -25.99
N ASP F 65 3.09 38.55 -25.91
CA ASP F 65 2.10 38.04 -26.85
C ASP F 65 1.23 36.99 -26.16
N ALA F 66 0.21 36.52 -26.88
CA ALA F 66 -0.74 35.57 -26.30
C ALA F 66 -0.12 34.22 -25.99
N GLN F 67 0.90 33.79 -26.75
CA GLN F 67 1.58 32.53 -26.48
C GLN F 67 2.21 32.51 -25.09
N GLU F 68 2.54 33.70 -24.57
CA GLU F 68 3.17 33.83 -23.26
C GLU F 68 2.11 33.70 -22.16
N PHE F 69 0.95 34.30 -22.39
CA PHE F 69 -0.21 34.15 -21.51
C PHE F 69 -0.66 32.69 -21.46
N ALA F 70 -0.86 32.07 -22.63
CA ALA F 70 -1.34 30.69 -22.67
C ALA F 70 -0.33 29.71 -22.08
N ALA F 71 0.96 30.04 -22.13
CA ALA F 71 1.97 29.15 -21.57
C ALA F 71 1.85 29.07 -20.05
N ASP F 72 1.60 30.20 -19.39
CA ASP F 72 1.49 30.20 -17.94
C ASP F 72 0.24 29.45 -17.49
N VAL F 73 -0.88 29.62 -18.19
CA VAL F 73 -2.11 28.94 -17.82
C VAL F 73 -1.92 27.44 -17.89
N ARG F 74 -1.32 26.95 -18.98
CA ARG F 74 -1.08 25.51 -19.13
C ARG F 74 -0.02 25.02 -18.15
N LEU F 75 0.94 25.87 -17.79
CA LEU F 75 1.93 25.48 -16.79
C LEU F 75 1.26 25.26 -15.43
N MET F 76 0.28 26.10 -15.10
CA MET F 76 -0.46 25.94 -13.85
C MET F 76 -1.21 24.62 -13.82
N PHE F 77 -1.75 24.20 -14.98
CA PHE F 77 -2.40 22.90 -15.07
C PHE F 77 -1.38 21.77 -15.11
N SER F 78 -0.26 21.99 -15.80
CA SER F 78 0.76 20.94 -15.93
C SER F 78 1.34 20.57 -14.57
N ASN F 79 1.58 21.57 -13.72
CA ASN F 79 2.11 21.28 -12.39
C ASN F 79 1.15 20.41 -11.60
N CYS F 80 -0.15 20.65 -11.75
CA CYS F 80 -1.14 19.84 -11.06
C CYS F 80 -1.12 18.40 -11.57
N TYR F 81 -0.98 18.22 -12.90
CA TYR F 81 -0.91 16.88 -13.46
C TYR F 81 0.38 16.18 -13.03
N LYS F 82 1.46 16.95 -12.87
CA LYS F 82 2.74 16.35 -12.49
C LYS F 82 2.75 15.89 -11.04
N TYR F 83 2.25 16.73 -10.14
CA TYR F 83 2.41 16.47 -8.71
C TYR F 83 1.31 15.57 -8.16
N ASN F 84 0.09 15.75 -8.61
CA ASN F 84 -0.97 15.03 -7.92
C ASN F 84 -1.21 13.66 -8.58
N PRO F 85 -1.73 12.71 -7.82
CA PRO F 85 -2.10 11.44 -8.43
C PRO F 85 -3.18 11.64 -9.46
N PRO F 86 -3.23 10.78 -10.49
CA PRO F 86 -4.20 11.01 -11.58
C PRO F 86 -5.65 10.91 -11.15
N ASP F 87 -5.97 10.23 -10.05
CA ASP F 87 -7.34 10.13 -9.56
C ASP F 87 -7.66 11.18 -8.50
N HIS F 88 -6.80 12.17 -8.29
CA HIS F 88 -7.05 13.19 -7.28
C HIS F 88 -8.15 14.14 -7.74
N ASP F 89 -8.87 14.69 -6.76
CA ASP F 89 -9.98 15.58 -7.07
C ASP F 89 -9.52 16.84 -7.78
N VAL F 90 -8.36 17.39 -7.38
CA VAL F 90 -7.87 18.63 -7.97
C VAL F 90 -7.51 18.44 -9.43
N VAL F 91 -7.09 17.22 -9.82
CA VAL F 91 -6.85 16.94 -11.23
C VAL F 91 -8.14 16.99 -12.03
N ALA F 92 -9.23 16.51 -11.46
CA ALA F 92 -10.52 16.66 -12.13
C ALA F 92 -10.88 18.14 -12.28
N MET F 93 -10.60 18.94 -11.27
CA MET F 93 -10.82 20.39 -11.36
C MET F 93 -9.83 21.03 -12.33
N ALA F 94 -8.63 20.48 -12.45
CA ALA F 94 -7.68 21.02 -13.42
C ALA F 94 -8.09 20.69 -14.84
N ARG F 95 -8.54 19.44 -15.07
CA ARG F 95 -9.04 19.05 -16.39
C ARG F 95 -10.25 19.88 -16.79
N LYS F 96 -11.10 20.20 -15.81
CA LYS F 96 -12.31 20.97 -16.09
C LYS F 96 -11.96 22.44 -16.39
N LEU F 97 -11.04 23.03 -15.62
CA LEU F 97 -10.69 24.42 -15.88
C LEU F 97 -9.90 24.56 -17.17
N GLN F 98 -9.05 23.58 -17.49
CA GLN F 98 -8.32 23.62 -18.75
C GLN F 98 -9.27 23.49 -19.93
N ASP F 99 -10.35 22.73 -19.78
CA ASP F 99 -11.36 22.65 -20.82
C ASP F 99 -11.96 24.02 -21.11
N VAL F 100 -12.18 24.83 -20.07
CA VAL F 100 -12.68 26.19 -20.27
C VAL F 100 -11.64 27.06 -20.97
N PHE F 101 -10.37 26.92 -20.57
CA PHE F 101 -9.32 27.77 -21.15
C PHE F 101 -9.05 27.44 -22.61
N GLU F 102 -8.76 26.17 -22.91
CA GLU F 102 -8.27 25.81 -24.23
C GLU F 102 -9.29 26.14 -25.33
N PHE F 103 -10.57 26.16 -24.99
CA PHE F 103 -11.63 26.46 -25.96
C PHE F 103 -11.88 27.96 -26.08
N ARG F 104 -11.94 28.67 -24.95
CA ARG F 104 -12.05 30.12 -25.00
C ARG F 104 -10.81 30.76 -25.61
N TYR F 105 -9.64 30.12 -25.44
CA TYR F 105 -8.40 30.62 -26.02
C TYR F 105 -8.30 30.38 -27.52
N ALA F 106 -8.93 29.32 -28.02
CA ALA F 106 -8.86 29.03 -29.44
C ALA F 106 -9.67 30.05 -30.24
N LYS F 107 -10.81 30.48 -29.71
CA LYS F 107 -11.67 31.44 -30.42
C LYS F 107 -11.12 32.85 -30.19
N MET F 108 -10.13 33.20 -31.01
CA MET F 108 -9.46 34.50 -30.90
C MET F 108 -8.88 34.92 -32.24
N CYS G 8 -22.19 -27.23 -14.73
CA CYS G 8 -21.93 -27.90 -16.00
C CYS G 8 -20.55 -27.54 -16.55
N ASN G 9 -20.09 -26.32 -16.27
CA ASN G 9 -18.74 -25.93 -16.70
C ASN G 9 -17.68 -26.78 -16.03
N GLY G 10 -17.88 -27.11 -14.75
CA GLY G 10 -16.95 -28.00 -14.09
C GLY G 10 -16.95 -29.40 -14.69
N ILE G 11 -18.13 -29.88 -15.09
CA ILE G 11 -18.22 -31.16 -15.78
C ILE G 11 -17.47 -31.12 -17.10
N LEU G 12 -17.54 -30.00 -17.81
CA LEU G 12 -16.93 -29.88 -19.14
C LEU G 12 -15.41 -29.90 -19.05
N LYS G 13 -14.82 -28.91 -18.38
CA LYS G 13 -13.37 -28.82 -18.33
C LYS G 13 -12.72 -29.98 -17.59
N GLU G 14 -13.52 -30.84 -16.94
CA GLU G 14 -13.00 -32.09 -16.40
C GLU G 14 -12.68 -33.07 -17.52
N LEU G 15 -13.56 -33.16 -18.52
CA LEU G 15 -13.34 -34.02 -19.66
C LEU G 15 -12.17 -33.56 -20.52
N LEU G 16 -11.84 -32.27 -20.49
CA LEU G 16 -10.76 -31.73 -21.30
C LEU G 16 -9.40 -31.76 -20.61
N SER G 17 -9.33 -32.21 -19.36
CA SER G 17 -8.04 -32.31 -18.67
C SER G 17 -7.37 -33.62 -19.07
N LYS G 18 -6.06 -33.70 -18.80
CA LYS G 18 -5.25 -34.82 -19.27
C LYS G 18 -5.60 -36.12 -18.58
N LYS G 19 -6.52 -36.07 -17.60
CA LYS G 19 -6.89 -37.27 -16.86
C LYS G 19 -7.55 -38.30 -17.77
N HIS G 20 -8.51 -37.86 -18.58
CA HIS G 20 -9.26 -38.73 -19.48
C HIS G 20 -8.76 -38.65 -20.92
N ALA G 21 -7.57 -38.09 -21.15
CA ALA G 21 -7.08 -37.86 -22.50
C ALA G 21 -6.84 -39.15 -23.28
N ALA G 22 -6.77 -40.29 -22.60
CA ALA G 22 -6.52 -41.56 -23.29
C ALA G 22 -7.69 -41.96 -24.18
N TYR G 23 -8.92 -41.62 -23.79
CA TYR G 23 -10.10 -42.00 -24.56
C TYR G 23 -10.94 -40.82 -24.99
N ALA G 24 -10.60 -39.60 -24.57
CA ALA G 24 -11.35 -38.40 -24.94
C ALA G 24 -10.75 -37.67 -26.14
N TRP G 25 -9.57 -38.06 -26.62
CA TRP G 25 -8.91 -37.35 -27.70
C TRP G 25 -9.62 -37.48 -29.06
N PRO G 26 -10.35 -38.57 -29.36
CA PRO G 26 -11.12 -38.59 -30.61
C PRO G 26 -12.24 -37.56 -30.66
N PHE G 27 -12.55 -36.89 -29.55
CA PHE G 27 -13.66 -35.96 -29.48
C PHE G 27 -13.22 -34.53 -29.22
N TYR G 28 -11.91 -34.26 -29.23
CA TYR G 28 -11.39 -32.92 -28.99
C TYR G 28 -11.79 -31.98 -30.10
N LYS G 29 -11.26 -32.19 -31.30
CA LYS G 29 -11.56 -31.36 -32.45
C LYS G 29 -12.61 -32.03 -33.32
N PRO G 30 -13.31 -31.27 -34.17
CA PRO G 30 -14.34 -31.88 -35.02
C PRO G 30 -13.77 -32.95 -35.93
N VAL G 31 -14.60 -33.94 -36.25
CA VAL G 31 -14.18 -35.04 -37.11
C VAL G 31 -13.78 -34.49 -38.47
N ASP G 32 -12.56 -34.80 -38.90
CA ASP G 32 -12.03 -34.32 -40.17
C ASP G 32 -12.47 -35.28 -41.27
N ALA G 33 -13.54 -34.92 -41.96
CA ALA G 33 -14.06 -35.77 -43.03
C ALA G 33 -13.19 -35.75 -44.26
N SER G 34 -12.03 -35.10 -44.20
CA SER G 34 -11.13 -35.02 -45.33
C SER G 34 -10.02 -36.05 -45.28
N ALA G 35 -9.87 -36.77 -44.17
CA ALA G 35 -8.89 -37.83 -44.09
C ALA G 35 -9.30 -38.99 -45.00
N LEU G 36 -8.37 -39.93 -45.18
CA LEU G 36 -8.64 -41.11 -46.00
C LEU G 36 -9.74 -41.95 -45.36
N GLY G 37 -10.90 -42.01 -46.01
CA GLY G 37 -11.95 -42.92 -45.61
C GLY G 37 -13.13 -42.31 -44.89
N LEU G 38 -13.09 -41.01 -44.59
CA LEU G 38 -14.17 -40.37 -43.83
C LEU G 38 -14.91 -39.31 -44.63
N HIS G 39 -14.80 -39.36 -45.96
CA HIS G 39 -15.51 -38.41 -46.83
C HIS G 39 -17.02 -38.50 -46.68
N ASP G 40 -17.55 -39.55 -46.05
CA ASP G 40 -18.99 -39.77 -45.93
C ASP G 40 -19.51 -39.42 -44.54
N TYR G 41 -18.71 -38.78 -43.70
CA TYR G 41 -19.13 -38.50 -42.33
C TYR G 41 -20.34 -37.58 -42.28
N HIS G 42 -20.33 -36.52 -43.09
CA HIS G 42 -21.43 -35.57 -43.08
C HIS G 42 -22.63 -36.03 -43.89
N ASP G 43 -22.50 -37.10 -44.67
CA ASP G 43 -23.68 -37.71 -45.27
C ASP G 43 -24.47 -38.52 -44.24
N ILE G 44 -23.78 -39.04 -43.22
CA ILE G 44 -24.40 -39.85 -42.18
C ILE G 44 -24.70 -39.03 -40.93
N ILE G 45 -23.78 -38.15 -40.55
CA ILE G 45 -23.94 -37.29 -39.38
C ILE G 45 -24.42 -35.94 -39.86
N LYS G 46 -25.69 -35.62 -39.61
CA LYS G 46 -26.23 -34.32 -40.00
C LYS G 46 -25.87 -33.24 -38.98
N HIS G 47 -25.80 -33.60 -37.70
CA HIS G 47 -25.44 -32.68 -36.63
C HIS G 47 -24.10 -33.10 -36.05
N PRO G 48 -22.98 -32.61 -36.60
CA PRO G 48 -21.68 -32.94 -36.02
C PRO G 48 -21.58 -32.42 -34.60
N MET G 49 -20.71 -33.05 -33.82
CA MET G 49 -20.57 -32.65 -32.41
C MET G 49 -19.19 -33.05 -31.94
N ASP G 50 -18.52 -32.13 -31.25
CA ASP G 50 -17.20 -32.38 -30.69
C ASP G 50 -17.04 -31.55 -29.42
N LEU G 51 -15.90 -31.72 -28.74
CA LEU G 51 -15.65 -31.02 -27.49
C LEU G 51 -15.08 -29.62 -27.68
N SER G 52 -14.41 -29.34 -28.79
CA SER G 52 -13.95 -27.98 -29.03
C SER G 52 -15.13 -27.06 -29.32
N THR G 53 -16.19 -27.60 -29.93
CA THR G 53 -17.42 -26.84 -30.15
C THR G 53 -18.28 -26.78 -28.89
N VAL G 54 -18.35 -27.87 -28.13
CA VAL G 54 -19.11 -27.83 -26.87
C VAL G 54 -18.56 -26.74 -25.96
N LYS G 55 -17.24 -26.50 -25.98
CA LYS G 55 -16.72 -25.33 -25.29
C LYS G 55 -17.18 -24.05 -25.97
N ARG G 56 -17.14 -24.02 -27.31
CA ARG G 56 -17.68 -22.88 -28.04
C ARG G 56 -19.17 -22.72 -27.77
N LYS G 57 -19.91 -23.82 -27.74
CA LYS G 57 -21.34 -23.75 -27.45
C LYS G 57 -21.61 -23.45 -25.98
N MET G 58 -20.60 -23.63 -25.11
CA MET G 58 -20.69 -23.22 -23.71
C MET G 58 -20.32 -21.77 -23.48
N GLU G 59 -19.25 -21.30 -24.13
CA GLU G 59 -18.82 -19.92 -23.98
C GLU G 59 -19.87 -18.94 -24.49
N ASN G 60 -20.61 -19.31 -25.52
CA ASN G 60 -21.69 -18.50 -26.04
C ASN G 60 -22.94 -18.56 -25.17
N ARG G 61 -22.90 -19.31 -24.06
CA ARG G 61 -24.05 -19.50 -23.19
C ARG G 61 -25.26 -20.02 -23.97
N ASP G 62 -24.99 -20.82 -25.01
CA ASP G 62 -26.06 -21.34 -25.85
C ASP G 62 -26.95 -22.31 -25.10
N TYR G 63 -26.47 -22.92 -24.02
CA TYR G 63 -27.27 -23.82 -23.22
C TYR G 63 -28.02 -23.05 -22.15
N ARG G 64 -29.29 -23.39 -21.97
CA ARG G 64 -30.05 -22.81 -20.88
C ARG G 64 -30.08 -23.79 -19.70
N ASP G 65 -31.03 -24.72 -19.70
CA ASP G 65 -31.10 -25.69 -18.64
C ASP G 65 -30.00 -26.73 -18.79
N ALA G 66 -29.86 -27.56 -17.75
CA ALA G 66 -28.86 -28.63 -17.79
C ALA G 66 -29.22 -29.67 -18.83
N GLN G 67 -30.51 -29.80 -19.16
CA GLN G 67 -30.96 -30.83 -20.09
C GLN G 67 -30.41 -30.61 -21.49
N GLU G 68 -30.21 -29.35 -21.92
CA GLU G 68 -29.65 -29.14 -23.25
C GLU G 68 -28.16 -29.44 -23.32
N PHE G 69 -27.41 -29.12 -22.27
CA PHE G 69 -25.99 -29.46 -22.29
C PHE G 69 -25.79 -30.96 -22.39
N ALA G 70 -26.56 -31.74 -21.61
CA ALA G 70 -26.45 -33.20 -21.67
C ALA G 70 -26.83 -33.74 -23.04
N ALA G 71 -27.66 -33.01 -23.79
CA ALA G 71 -28.04 -33.47 -25.12
C ALA G 71 -26.86 -33.45 -26.08
N ASP G 72 -26.06 -32.38 -26.05
CA ASP G 72 -24.91 -32.28 -26.96
C ASP G 72 -23.83 -33.30 -26.60
N VAL G 73 -23.54 -33.46 -25.30
CA VAL G 73 -22.52 -34.43 -24.90
C VAL G 73 -22.95 -35.83 -25.29
N ARG G 74 -24.23 -36.15 -25.13
CA ARG G 74 -24.77 -37.42 -25.59
C ARG G 74 -24.95 -37.46 -27.10
N LEU G 75 -24.79 -36.33 -27.79
CA LEU G 75 -24.89 -36.34 -29.25
C LEU G 75 -23.58 -36.71 -29.90
N MET G 76 -22.45 -36.21 -29.38
CA MET G 76 -21.16 -36.63 -29.92
C MET G 76 -20.92 -38.12 -29.68
N PHE G 77 -21.42 -38.65 -28.56
CA PHE G 77 -21.34 -40.08 -28.34
C PHE G 77 -22.30 -40.82 -29.26
N SER G 78 -23.48 -40.24 -29.50
CA SER G 78 -24.43 -40.87 -30.41
C SER G 78 -23.87 -40.94 -31.83
N ASN G 79 -23.21 -39.86 -32.26
CA ASN G 79 -22.55 -39.87 -33.56
C ASN G 79 -21.45 -40.92 -33.61
N CYS G 80 -20.71 -41.07 -32.51
CA CYS G 80 -19.63 -42.04 -32.45
C CYS G 80 -20.16 -43.47 -32.55
N TYR G 81 -21.25 -43.77 -31.85
CA TYR G 81 -21.84 -45.11 -31.96
C TYR G 81 -22.45 -45.34 -33.34
N LYS G 82 -23.01 -44.29 -33.94
CA LYS G 82 -23.66 -44.43 -35.24
C LYS G 82 -22.65 -44.63 -36.37
N TYR G 83 -21.56 -43.86 -36.36
CA TYR G 83 -20.66 -43.85 -37.52
C TYR G 83 -19.64 -44.99 -37.46
N ASN G 84 -19.05 -45.24 -36.28
CA ASN G 84 -17.97 -46.21 -36.21
C ASN G 84 -18.54 -47.59 -35.91
N PRO G 85 -17.83 -48.66 -36.29
CA PRO G 85 -18.32 -50.00 -35.98
C PRO G 85 -18.34 -50.21 -34.47
N PRO G 86 -19.26 -51.04 -33.98
CA PRO G 86 -19.42 -51.20 -32.52
C PRO G 86 -18.20 -51.77 -31.82
N ASP G 87 -17.34 -52.50 -32.51
CA ASP G 87 -16.14 -53.05 -31.91
C ASP G 87 -14.92 -52.16 -32.10
N HIS G 88 -15.12 -50.94 -32.58
CA HIS G 88 -14.01 -50.02 -32.78
C HIS G 88 -13.53 -49.47 -31.45
N ASP G 89 -12.24 -49.10 -31.42
CA ASP G 89 -11.66 -48.58 -30.19
C ASP G 89 -12.35 -47.29 -29.75
N VAL G 90 -12.75 -46.45 -30.70
CA VAL G 90 -13.37 -45.18 -30.36
C VAL G 90 -14.72 -45.38 -29.67
N VAL G 91 -15.43 -46.47 -29.99
CA VAL G 91 -16.64 -46.82 -29.25
C VAL G 91 -16.30 -47.24 -27.83
N ALA G 92 -15.22 -47.99 -27.65
CA ALA G 92 -14.75 -48.27 -26.30
C ALA G 92 -14.32 -46.98 -25.61
N MET G 93 -13.66 -46.09 -26.36
CA MET G 93 -13.28 -44.79 -25.80
C MET G 93 -14.51 -43.92 -25.52
N ALA G 94 -15.58 -44.08 -26.29
CA ALA G 94 -16.81 -43.32 -26.02
C ALA G 94 -17.51 -43.83 -24.77
N ARG G 95 -17.58 -45.16 -24.59
CA ARG G 95 -18.24 -45.70 -23.41
C ARG G 95 -17.50 -45.30 -22.13
N LYS G 96 -16.17 -45.27 -22.18
CA LYS G 96 -15.38 -44.92 -21.00
C LYS G 96 -15.69 -43.49 -20.56
N LEU G 97 -15.71 -42.56 -21.53
CA LEU G 97 -15.95 -41.16 -21.21
C LEU G 97 -17.41 -40.89 -20.85
N GLN G 98 -18.34 -41.65 -21.43
CA GLN G 98 -19.75 -41.43 -21.14
C GLN G 98 -20.09 -41.75 -19.68
N ASP G 99 -19.52 -42.83 -19.13
CA ASP G 99 -19.74 -43.09 -17.71
C ASP G 99 -19.16 -41.99 -16.84
N VAL G 100 -18.04 -41.40 -17.26
CA VAL G 100 -17.47 -40.29 -16.52
C VAL G 100 -18.43 -39.10 -16.53
N PHE G 101 -19.06 -38.86 -17.68
CA PHE G 101 -20.04 -37.78 -17.77
C PHE G 101 -21.31 -38.12 -16.99
N GLU G 102 -21.91 -39.28 -17.31
CA GLU G 102 -23.21 -39.64 -16.74
C GLU G 102 -23.17 -39.78 -15.22
N PHE G 103 -22.00 -40.13 -14.65
CA PHE G 103 -21.87 -40.10 -13.20
C PHE G 103 -21.66 -38.67 -12.69
N ARG G 104 -20.85 -37.89 -13.39
CA ARG G 104 -20.61 -36.50 -13.01
C ARG G 104 -21.85 -35.64 -13.22
N TYR G 105 -22.71 -36.03 -14.17
CA TYR G 105 -23.95 -35.31 -14.43
C TYR G 105 -25.08 -35.72 -13.50
N ALA G 106 -25.09 -36.97 -13.02
CA ALA G 106 -26.12 -37.39 -12.08
C ALA G 106 -25.94 -36.80 -10.70
N LYS G 107 -24.85 -36.08 -10.45
CA LYS G 107 -24.58 -35.41 -9.20
C LYS G 107 -25.09 -33.97 -9.19
N MET G 108 -25.81 -33.56 -10.21
CA MET G 108 -26.24 -32.16 -10.30
C MET G 108 -27.29 -31.83 -9.25
N PRO G 109 -27.18 -30.67 -8.59
CA PRO G 109 -28.22 -30.14 -7.70
C PRO G 109 -29.52 -29.82 -8.46
N SER H 1 -0.63 -1.22 -18.71
CA SER H 1 -0.06 -1.77 -19.93
C SER H 1 1.41 -1.39 -20.09
N SER H 2 1.80 -0.26 -19.48
CA SER H 2 3.19 0.15 -19.51
C SER H 2 4.05 -0.76 -18.66
N GLU H 3 3.53 -1.20 -17.51
CA GLU H 3 4.25 -2.18 -16.70
C GLU H 3 4.29 -3.54 -17.39
N GLN H 4 3.25 -3.86 -18.17
CA GLN H 4 3.27 -5.10 -18.95
C GLN H 4 4.32 -5.04 -20.06
N LEU H 5 4.33 -3.95 -20.83
CA LEU H 5 5.19 -3.85 -21.99
C LEU H 5 6.65 -3.58 -21.63
N LYS H 6 6.90 -2.91 -20.50
CA LYS H 6 8.28 -2.71 -20.08
C LYS H 6 8.92 -4.02 -19.65
N HIS H 7 8.12 -4.97 -19.15
CA HIS H 7 8.61 -6.32 -18.92
C HIS H 7 8.66 -7.11 -20.23
N CYS H 8 7.73 -6.85 -21.14
CA CYS H 8 7.84 -7.43 -22.47
C CYS H 8 9.04 -6.88 -23.23
N ASN H 9 9.38 -5.61 -22.99
CA ASN H 9 10.58 -5.05 -23.60
C ASN H 9 11.84 -5.72 -23.07
N GLY H 10 11.85 -6.05 -21.78
CA GLY H 10 12.98 -6.77 -21.22
C GLY H 10 13.12 -8.17 -21.77
N ILE H 11 12.01 -8.85 -22.02
CA ILE H 11 12.06 -10.18 -22.64
C ILE H 11 12.64 -10.08 -24.04
N LEU H 12 12.28 -9.04 -24.78
CA LEU H 12 12.78 -8.88 -26.14
C LEU H 12 14.26 -8.52 -26.15
N LYS H 13 14.70 -7.68 -25.21
CA LYS H 13 16.12 -7.40 -25.05
C LYS H 13 16.89 -8.63 -24.61
N GLU H 14 16.20 -9.64 -24.07
CA GLU H 14 16.83 -10.88 -23.63
C GLU H 14 16.96 -11.90 -24.74
N LEU H 15 15.92 -12.06 -25.57
CA LEU H 15 16.00 -13.01 -26.68
C LEU H 15 17.05 -12.58 -27.70
N LEU H 16 17.30 -11.29 -27.82
CA LEU H 16 18.29 -10.79 -28.77
C LEU H 16 19.68 -10.60 -28.16
N SER H 17 19.85 -10.88 -26.87
CA SER H 17 21.17 -10.71 -26.26
C SER H 17 22.05 -11.92 -26.56
N LYS H 18 23.35 -11.77 -26.25
CA LYS H 18 24.32 -12.77 -26.66
C LYS H 18 24.16 -14.06 -25.89
N LYS H 19 23.41 -14.05 -24.78
CA LYS H 19 23.27 -15.26 -23.96
C LYS H 19 22.54 -16.36 -24.71
N HIS H 20 21.59 -16.01 -25.58
CA HIS H 20 20.81 -16.97 -26.32
C HIS H 20 21.13 -16.97 -27.81
N ALA H 21 22.24 -16.35 -28.21
CA ALA H 21 22.57 -16.22 -29.63
C ALA H 21 22.84 -17.55 -30.32
N ALA H 22 23.10 -18.61 -29.54
CA ALA H 22 23.41 -19.90 -30.15
C ALA H 22 22.19 -20.51 -30.84
N TYR H 23 20.99 -20.27 -30.32
CA TYR H 23 19.77 -20.86 -30.89
C TYR H 23 18.74 -19.83 -31.30
N ALA H 24 18.99 -18.54 -31.09
CA ALA H 24 18.08 -17.47 -31.47
C ALA H 24 18.41 -16.87 -32.84
N TRP H 25 19.50 -17.29 -33.46
CA TRP H 25 19.94 -16.69 -34.72
C TRP H 25 19.03 -16.99 -35.91
N PRO H 26 18.33 -18.13 -35.99
CA PRO H 26 17.38 -18.29 -37.09
C PRO H 26 16.21 -17.32 -37.04
N PHE H 27 16.05 -16.59 -35.94
CA PHE H 27 14.91 -15.71 -35.75
C PHE H 27 15.29 -14.24 -35.63
N TYR H 28 16.57 -13.91 -35.84
CA TYR H 28 16.99 -12.51 -35.75
C TYR H 28 16.42 -11.67 -36.89
N LYS H 29 16.22 -12.27 -38.06
CA LYS H 29 15.75 -11.59 -39.25
C LYS H 29 14.63 -12.39 -39.88
N PRO H 30 13.86 -11.78 -40.79
CA PRO H 30 12.83 -12.54 -41.51
C PRO H 30 13.44 -13.66 -42.33
N VAL H 31 12.65 -14.74 -42.49
CA VAL H 31 13.11 -15.88 -43.28
C VAL H 31 13.35 -15.43 -44.71
N ASP H 32 14.55 -15.72 -45.21
CA ASP H 32 14.96 -15.31 -46.55
C ASP H 32 14.46 -16.35 -47.55
N ALA H 33 13.34 -16.05 -48.19
CA ALA H 33 12.75 -16.97 -49.17
C ALA H 33 13.54 -17.04 -50.46
N SER H 34 14.62 -16.27 -50.59
CA SER H 34 15.48 -16.32 -51.76
C SER H 34 16.56 -17.39 -51.66
N ALA H 35 16.51 -18.26 -50.66
CA ALA H 35 17.50 -19.31 -50.54
C ALA H 35 17.17 -20.40 -51.56
N LEU H 36 17.87 -21.54 -51.46
CA LEU H 36 17.72 -22.59 -52.45
C LEU H 36 16.31 -23.16 -52.45
N GLY H 37 15.99 -24.00 -51.48
CA GLY H 37 14.64 -24.56 -51.41
C GLY H 37 13.81 -23.86 -50.37
N LEU H 38 13.38 -22.64 -50.67
CA LEU H 38 12.65 -21.79 -49.73
C LEU H 38 11.91 -20.70 -50.49
N HIS H 39 11.89 -20.82 -51.82
CA HIS H 39 11.06 -19.97 -52.65
C HIS H 39 9.58 -20.11 -52.32
N ASP H 40 9.21 -21.12 -51.54
CA ASP H 40 7.83 -21.43 -51.22
C ASP H 40 7.44 -21.02 -49.80
N TYR H 41 8.31 -20.29 -49.09
CA TYR H 41 8.03 -19.97 -47.70
C TYR H 41 6.77 -19.11 -47.57
N HIS H 42 6.61 -18.13 -48.46
CA HIS H 42 5.46 -17.25 -48.39
C HIS H 42 4.19 -17.88 -48.95
N ASP H 43 4.32 -19.02 -49.64
CA ASP H 43 3.13 -19.78 -50.02
C ASP H 43 2.58 -20.59 -48.86
N ILE H 44 3.41 -20.97 -47.90
CA ILE H 44 2.99 -21.79 -46.77
C ILE H 44 2.72 -20.94 -45.54
N ILE H 45 3.60 -19.98 -45.25
CA ILE H 45 3.44 -19.08 -44.11
C ILE H 45 2.88 -17.76 -44.64
N LYS H 46 1.66 -17.43 -44.22
CA LYS H 46 0.99 -16.25 -44.74
C LYS H 46 1.24 -15.00 -43.91
N HIS H 47 1.65 -15.16 -42.64
CA HIS H 47 1.93 -14.04 -41.75
C HIS H 47 3.31 -14.27 -41.15
N PRO H 48 4.36 -13.86 -41.86
CA PRO H 48 5.72 -14.02 -41.32
C PRO H 48 5.94 -13.18 -40.07
N MET H 49 6.86 -13.63 -39.24
CA MET H 49 7.22 -12.92 -38.02
C MET H 49 8.60 -13.36 -37.57
N ASP H 50 9.38 -12.37 -37.11
CA ASP H 50 10.70 -12.60 -36.59
C ASP H 50 10.95 -11.58 -35.48
N LEU H 51 12.14 -11.63 -34.90
CA LEU H 51 12.45 -10.76 -33.76
C LEU H 51 12.82 -9.35 -34.18
N SER H 52 13.28 -9.15 -35.42
CA SER H 52 13.52 -7.79 -35.88
C SER H 52 12.22 -7.03 -36.08
N THR H 53 11.13 -7.73 -36.41
CA THR H 53 9.83 -7.08 -36.50
C THR H 53 9.23 -6.85 -35.12
N VAL H 54 9.39 -7.80 -34.20
CA VAL H 54 8.92 -7.62 -32.84
C VAL H 54 9.61 -6.43 -32.18
N LYS H 55 10.89 -6.21 -32.51
CA LYS H 55 11.60 -5.05 -31.97
C LYS H 55 11.15 -3.76 -32.65
N ARG H 56 11.02 -3.78 -33.98
CA ARG H 56 10.55 -2.59 -34.68
C ARG H 56 9.14 -2.21 -34.23
N LYS H 57 8.29 -3.21 -33.97
CA LYS H 57 6.95 -2.95 -33.45
C LYS H 57 6.95 -2.58 -31.97
N MET H 58 8.04 -2.86 -31.25
CA MET H 58 8.15 -2.44 -29.86
C MET H 58 8.64 -1.00 -29.76
N GLU H 59 9.64 -0.64 -30.57
CA GLU H 59 10.15 0.72 -30.57
C GLU H 59 9.09 1.70 -31.05
N ASN H 60 8.29 1.29 -32.04
CA ASN H 60 7.16 2.08 -32.52
C ASN H 60 5.96 1.99 -31.60
N ARG H 61 6.03 1.15 -30.55
CA ARG H 61 4.95 0.99 -29.57
C ARG H 61 3.67 0.49 -30.23
N ASP H 62 3.81 -0.51 -31.12
CA ASP H 62 2.64 -1.07 -31.78
C ASP H 62 1.83 -1.96 -30.85
N TYR H 63 2.48 -2.66 -29.92
CA TYR H 63 1.76 -3.59 -29.04
C TYR H 63 0.88 -2.82 -28.06
N ARG H 64 -0.43 -2.99 -28.20
CA ARG H 64 -1.38 -2.27 -27.33
C ARG H 64 -1.43 -2.89 -25.94
N ASP H 65 -1.18 -4.19 -25.83
CA ASP H 65 -1.00 -4.85 -24.54
C ASP H 65 -0.05 -6.03 -24.74
N ALA H 66 0.28 -6.68 -23.63
CA ALA H 66 1.19 -7.82 -23.69
C ALA H 66 0.59 -9.02 -24.44
N GLN H 67 -0.74 -9.02 -24.63
CA GLN H 67 -1.36 -10.09 -25.38
C GLN H 67 -0.99 -10.02 -26.86
N GLU H 68 -0.74 -8.82 -27.38
CA GLU H 68 -0.28 -8.71 -28.76
C GLU H 68 1.20 -9.08 -28.89
N PHE H 69 2.01 -8.71 -27.88
CA PHE H 69 3.42 -9.10 -27.87
C PHE H 69 3.57 -10.62 -27.85
N ALA H 70 2.87 -11.29 -26.93
CA ALA H 70 2.97 -12.74 -26.84
C ALA H 70 2.40 -13.42 -28.07
N ALA H 71 1.42 -12.79 -28.73
CA ALA H 71 0.84 -13.38 -29.94
C ALA H 71 1.85 -13.40 -31.08
N ASP H 72 2.59 -12.31 -31.27
CA ASP H 72 3.56 -12.26 -32.35
C ASP H 72 4.71 -13.22 -32.10
N VAL H 73 5.21 -13.28 -30.86
CA VAL H 73 6.33 -14.16 -30.55
C VAL H 73 5.96 -15.61 -30.78
N ARG H 74 4.75 -16.01 -30.35
CA ARG H 74 4.32 -17.39 -30.55
C ARG H 74 3.97 -17.67 -32.00
N LEU H 75 3.54 -16.65 -32.75
CA LEU H 75 3.35 -16.81 -34.18
C LEU H 75 4.67 -17.08 -34.90
N MET H 76 5.74 -16.42 -34.45
CA MET H 76 7.06 -16.67 -35.03
C MET H 76 7.53 -18.10 -34.80
N PHE H 77 7.20 -18.67 -33.64
CA PHE H 77 7.52 -20.07 -33.40
C PHE H 77 6.55 -21.00 -34.15
N SER H 78 5.28 -20.59 -34.26
CA SER H 78 4.30 -21.40 -34.97
C SER H 78 4.68 -21.58 -36.44
N ASN H 79 5.16 -20.51 -37.07
CA ASN H 79 5.58 -20.61 -38.47
C ASN H 79 6.71 -21.61 -38.66
N CYS H 80 7.64 -21.65 -37.71
CA CYS H 80 8.77 -22.58 -37.81
C CYS H 80 8.30 -24.02 -37.73
N TYR H 81 7.35 -24.32 -36.83
CA TYR H 81 6.86 -25.68 -36.69
C TYR H 81 6.08 -26.14 -37.92
N LYS H 82 5.36 -25.22 -38.56
CA LYS H 82 4.56 -25.61 -39.73
C LYS H 82 5.43 -25.89 -40.93
N TYR H 83 6.47 -25.08 -41.14
CA TYR H 83 7.25 -25.13 -42.37
C TYR H 83 8.34 -26.18 -42.32
N ASN H 84 9.01 -26.35 -41.18
CA ASN H 84 10.18 -27.21 -41.09
C ASN H 84 9.81 -28.63 -40.67
N PRO H 85 10.63 -29.61 -41.04
CA PRO H 85 10.41 -30.97 -40.56
C PRO H 85 10.59 -31.04 -39.06
N PRO H 86 9.88 -31.95 -38.38
CA PRO H 86 9.94 -31.98 -36.92
C PRO H 86 11.32 -32.34 -36.35
N ASP H 87 12.17 -33.04 -37.11
CA ASP H 87 13.49 -33.41 -36.63
C ASP H 87 14.58 -32.43 -37.05
N HIS H 88 14.22 -31.29 -37.60
CA HIS H 88 15.20 -30.31 -38.03
C HIS H 88 15.79 -29.57 -36.83
N ASP H 89 17.05 -29.13 -36.99
CA ASP H 89 17.73 -28.43 -35.91
C ASP H 89 17.04 -27.10 -35.59
N VAL H 90 16.52 -26.42 -36.61
CA VAL H 90 15.90 -25.12 -36.39
C VAL H 90 14.64 -25.26 -35.53
N VAL H 91 13.95 -26.40 -35.62
CA VAL H 91 12.82 -26.66 -34.73
C VAL H 91 13.31 -26.85 -33.29
N ALA H 92 14.44 -27.53 -33.12
CA ALA H 92 15.00 -27.66 -31.77
C ALA H 92 15.38 -26.29 -31.21
N MET H 93 15.94 -25.42 -32.06
CA MET H 93 16.24 -24.06 -31.62
C MET H 93 14.97 -23.28 -31.32
N ALA H 94 13.87 -23.59 -32.01
CA ALA H 94 12.59 -22.94 -31.71
C ALA H 94 12.01 -23.46 -30.40
N ARG H 95 12.10 -24.77 -30.14
CA ARG H 95 11.71 -25.30 -28.85
C ARG H 95 12.57 -24.70 -27.74
N LYS H 96 13.87 -24.54 -28.00
CA LYS H 96 14.79 -24.08 -26.96
C LYS H 96 14.51 -22.63 -26.60
N LEU H 97 14.33 -21.77 -27.61
CA LEU H 97 14.08 -20.36 -27.34
C LEU H 97 12.69 -20.10 -26.80
N GLN H 98 11.69 -20.87 -27.25
CA GLN H 98 10.34 -20.67 -26.72
C GLN H 98 10.26 -21.04 -25.25
N ASP H 99 11.00 -22.07 -24.83
CA ASP H 99 11.08 -22.38 -23.40
C ASP H 99 11.66 -21.19 -22.63
N VAL H 100 12.64 -20.50 -23.21
CA VAL H 100 13.16 -19.29 -22.60
C VAL H 100 12.10 -18.21 -22.56
N PHE H 101 11.30 -18.10 -23.63
CA PHE H 101 10.26 -17.08 -23.68
C PHE H 101 9.16 -17.36 -22.67
N GLU H 102 8.57 -18.55 -22.74
CA GLU H 102 7.42 -18.86 -21.88
C GLU H 102 7.82 -18.82 -20.40
N PHE H 103 9.10 -19.06 -20.11
CA PHE H 103 9.58 -19.04 -18.73
C PHE H 103 9.59 -17.62 -18.17
N ARG H 104 10.25 -16.69 -18.87
CA ARG H 104 10.28 -15.30 -18.43
C ARG H 104 9.01 -14.53 -18.79
N TYR H 105 8.16 -15.07 -19.65
CA TYR H 105 6.85 -14.47 -19.85
C TYR H 105 5.93 -14.74 -18.66
N ALA H 106 6.11 -15.87 -17.99
CA ALA H 106 5.32 -16.18 -16.80
C ALA H 106 5.70 -15.32 -15.61
N LYS H 107 6.88 -14.70 -15.63
CA LYS H 107 7.29 -13.79 -14.57
C LYS H 107 6.72 -12.40 -14.81
N MET H 108 5.42 -12.35 -15.09
CA MET H 108 4.73 -11.10 -15.40
C MET H 108 4.72 -10.14 -14.21
N TRP I 2 18.36 -25.65 -46.63
CA TRP I 2 18.73 -25.88 -45.25
C TRP I 2 17.48 -25.87 -44.37
N GLY I 4 12.81 -26.29 -44.61
CA GLY I 4 11.62 -26.76 -45.29
C GLY I 4 11.59 -28.21 -45.70
N TYR I 5 10.46 -28.58 -46.32
CA TYR I 5 10.25 -29.94 -46.83
C TYR I 5 10.68 -30.11 -48.28
N LEU I 6 10.56 -29.05 -49.10
CA LEU I 6 10.98 -29.16 -50.51
C LEU I 6 12.46 -29.42 -50.65
N CYS I 7 13.28 -28.76 -49.83
CA CYS I 7 14.72 -28.87 -50.01
C CYS I 7 15.27 -30.23 -49.58
N LEU I 8 14.43 -31.12 -49.05
CA LEU I 8 14.86 -32.49 -48.83
C LEU I 8 14.93 -33.29 -50.12
N ARG I 9 14.21 -32.87 -51.16
CA ARG I 9 14.24 -33.53 -52.46
C ARG I 9 15.59 -33.36 -53.15
N ARG I 11 18.33 -33.84 -51.66
CA ARG I 11 19.22 -34.74 -50.96
C ARG I 11 19.58 -35.94 -51.83
N ILE I 12 20.71 -36.56 -51.54
CA ILE I 12 21.16 -37.77 -52.22
C ILE I 12 21.65 -38.74 -51.15
N GLN I 13 20.90 -39.80 -50.92
CA GLN I 13 21.20 -40.74 -49.84
C GLN I 13 21.54 -42.12 -50.40
N TRP J 2 -33.51 7.09 10.92
CA TRP J 2 -33.25 6.64 12.29
C TRP J 2 -34.52 6.61 13.14
N GLY J 4 -39.20 6.19 12.73
CA GLY J 4 -40.42 6.02 11.96
C GLY J 4 -40.52 4.72 11.21
N TYR J 5 -41.71 4.48 10.64
CA TYR J 5 -41.95 3.27 9.88
C TYR J 5 -41.30 3.33 8.50
N LEU J 6 -41.32 4.51 7.87
CA LEU J 6 -40.89 4.59 6.47
C LEU J 6 -39.40 4.33 6.31
N CYS J 7 -38.58 4.69 7.29
CA CYS J 7 -37.14 4.50 7.14
C CYS J 7 -36.70 3.08 7.44
N LEU J 8 -37.58 2.25 8.01
CA LEU J 8 -37.27 0.82 8.13
C LEU J 8 -37.04 0.20 6.75
N ARG J 9 -37.73 0.71 5.74
CA ARG J 9 -37.63 0.23 4.37
C ARG J 9 -36.21 0.33 3.81
N ARG J 11 -33.58 -0.53 5.31
CA ARG J 11 -32.77 -1.53 6.01
C ARG J 11 -32.92 -2.90 5.37
N TRP K 2 9.09 -40.61 -15.58
CA TRP K 2 8.47 -40.23 -16.85
C TRP K 2 7.50 -41.29 -17.38
N GLY K 4 6.63 -44.60 -15.03
CA GLY K 4 6.31 -45.64 -14.07
C GLY K 4 5.03 -45.44 -13.25
N TYR K 5 4.76 -46.38 -12.34
CA TYR K 5 3.65 -46.21 -11.41
C TYR K 5 4.07 -45.45 -10.16
N LEU K 6 5.32 -45.62 -9.73
CA LEU K 6 5.80 -44.85 -8.59
C LEU K 6 5.85 -43.36 -8.92
N CYS K 7 6.27 -43.02 -10.14
CA CYS K 7 6.44 -41.64 -10.53
C CYS K 7 5.12 -40.91 -10.76
N LEU K 8 3.98 -41.60 -10.62
CA LEU K 8 2.70 -40.90 -10.57
C LEU K 8 2.49 -40.20 -9.24
N ARG K 9 3.18 -40.64 -8.20
CA ARG K 9 3.09 -40.02 -6.87
C ARG K 9 3.70 -38.62 -6.87
N ARG K 11 3.31 -36.46 -9.07
CA ARG K 11 2.40 -35.60 -9.81
C ARG K 11 1.42 -34.87 -8.91
N ILE K 12 1.16 -33.60 -9.23
CA ILE K 12 0.20 -32.80 -8.48
C ILE K 12 -1.04 -32.53 -9.33
N TRP L 2 14.02 -24.51 36.64
CA TRP L 2 14.33 -24.87 38.02
C TRP L 2 13.11 -24.71 38.92
N GLY L 4 8.46 -25.23 38.82
CA GLY L 4 7.19 -25.52 38.18
C GLY L 4 7.00 -26.93 37.63
N TYR L 5 5.77 -27.22 37.21
CA TYR L 5 5.45 -28.55 36.67
C TYR L 5 5.97 -28.71 35.25
N LEU L 6 5.86 -27.67 34.42
CA LEU L 6 6.16 -27.82 33.00
C LEU L 6 7.64 -28.05 32.74
N CYS L 7 8.52 -27.50 33.58
CA CYS L 7 9.95 -27.58 33.32
C CYS L 7 10.57 -28.92 33.68
N LEU L 8 9.81 -29.81 34.34
CA LEU L 8 10.31 -31.16 34.57
C LEU L 8 10.65 -31.86 33.27
N ARG L 9 9.88 -31.61 32.22
CA ARG L 9 10.11 -32.21 30.91
C ARG L 9 11.45 -31.80 30.29
#